data_2QJ0
#
_entry.id   2QJ0
#
_cell.length_a   65.795
_cell.length_b   122.798
_cell.length_c   178.856
_cell.angle_alpha   90.00
_cell.angle_beta   90.00
_cell.angle_gamma   90.00
#
_symmetry.space_group_name_H-M   'P 21 21 21'
#
loop_
_entity.id
_entity.type
_entity.pdbx_description
1 polymer 'Ubiquitin conjugation factor E4'
2 water water
#
_entity_poly.entity_id   1
_entity_poly.type   'polypeptide(L)'
_entity_poly.pdbx_seq_one_letter_code
;GSH(MSE)AS(MSE)TGGQQ(MSE)GRGSEFRS(MSE)TAIEDILQITTDPSDTRGYSLLKSEEVPQGSTLGVDFIDTLL
LYQLTENEKLDKPFEYLNDCFRRNQQQKRITKNKPNAESLHSTFQEIDRLVIGYGVVALQIENFC(MSE)NGAFINYITG
IVSNVNSYTDFLSQIIQRAILEGTALDLLNAVFPTLLEYCNKHVSHFDLNESVIYNNVLTIFELFVTFKPIAEIFTKIDG
FFADYSCKPQDFERKTILGPILSLSPIEAAVAIRNYGDNLLRSKQQTA(MSE)IHESLQAEHKVVIDRLFFIVDKLVRGS
LNSRTD(MSE)ISYFAHIANKNHLRRADHPPFKELSSNGF(MSE)SNITLLLVRFSQPFLDISYKKIDKIDANYFNNPSL
FIDLSGETRLNSDFKEADAFYDKNRKTADSKPNFISDCFFLTLTYLHYGLGGTLSFEEK(MSE)GSEIKALKEEIEKVKK
IAANHDVFARFITAQLSK(MSE)EKALKTTESLRFALQGFFAHRSLQLEVFDFICGASTFLIRVVDPEHEFPFKQIKLPL
IPDQIGVENVDNADFLRAHAPVPFKYYPEFVVEGPVNYSLYISKYQTSPIFRNPRLGSFVEFTT(MSE)VLRCPELVSNP
HLKGKLVQLLSVGA(MSE)PLTDNSPGF(MSE)(MSE)DIFEHDELVNKNLLYALLDFYVIVEKTGSSSQFYDKFNSRYS
ISIILEELYYKIPSYKNQLIWQSQNNADFFVRFVAR(MSE)LNDLTFLLDEGLSNLAEVHNIQNELDNRARGAPPTREEE
DKELQTRLASASRQAKSSCGLADKS(MSE)KLFEIYSKDIPAAFVTPEIVYRLAS(MSE)LNYNLESLVGPKCGELKVKD
PQSYSFNPKDLLKALTTVYINLSEQSEFISAVAKDERSFNRNLFVRAVDILGRKTGLASPEFIEKLLNFANKAEEQRKAD
EEEDLEYGDVPDEFLDPL(MSE)YTI(MSE)KDPVILPASK(MSE)NIDRSTIKAHLLSDSTDPFNR(MSE)PLKLEDVT
PNEELRQKILCFKKQKKEEAKHKASE
;
_entity_poly.pdbx_strand_id   A
#
# COMPACT_ATOMS: atom_id res chain seq x y z
N GLY A 16 -9.88 -77.84 -16.14
CA GLY A 16 -11.07 -77.54 -17.01
C GLY A 16 -11.20 -76.07 -17.35
N SER A 17 -12.27 -75.45 -16.86
CA SER A 17 -12.51 -74.02 -17.10
C SER A 17 -12.78 -73.29 -15.77
N GLU A 18 -13.19 -74.04 -14.75
CA GLU A 18 -13.42 -73.50 -13.42
C GLU A 18 -12.02 -73.42 -12.81
N PHE A 19 -11.06 -73.73 -13.68
CA PHE A 19 -9.63 -73.71 -13.40
C PHE A 19 -9.13 -72.35 -13.87
N ARG A 20 -9.52 -71.97 -15.10
CA ARG A 20 -9.15 -70.69 -15.67
C ARG A 20 -9.41 -69.58 -14.65
N SER A 21 -10.26 -69.88 -13.68
CA SER A 21 -10.60 -68.95 -12.61
C SER A 21 -9.53 -69.01 -11.52
N THR A 23 -6.73 -70.00 -11.65
CA THR A 23 -5.46 -69.58 -12.23
C THR A 23 -5.36 -68.07 -12.32
N ALA A 24 -6.46 -67.42 -12.69
CA ALA A 24 -6.47 -65.97 -12.80
C ALA A 24 -6.41 -65.32 -11.42
N ILE A 25 -6.99 -65.98 -10.41
CA ILE A 25 -6.95 -65.46 -9.04
C ILE A 25 -5.50 -65.52 -8.54
N GLU A 26 -4.79 -66.54 -8.98
CA GLU A 26 -3.39 -66.71 -8.60
C GLU A 26 -2.53 -65.57 -9.14
N ASP A 27 -2.62 -65.29 -10.43
CA ASP A 27 -1.81 -64.26 -11.05
C ASP A 27 -2.20 -62.81 -10.75
N ILE A 28 -3.38 -62.63 -10.16
CA ILE A 28 -3.82 -61.29 -9.82
C ILE A 28 -3.49 -61.02 -8.36
N LEU A 29 -3.82 -61.97 -7.48
CA LEU A 29 -3.50 -61.79 -6.07
C LEU A 29 -2.09 -62.31 -5.74
N GLN A 30 -1.39 -62.84 -6.75
CA GLN A 30 -0.06 -63.43 -6.60
C GLN A 30 0.08 -64.28 -5.32
N ILE A 31 -0.69 -65.35 -5.27
CA ILE A 31 -0.71 -66.26 -4.13
C ILE A 31 -1.28 -67.60 -4.59
N THR A 32 -0.62 -68.71 -4.20
CA THR A 32 -1.06 -70.08 -4.53
C THR A 32 -1.12 -70.93 -3.28
N THR A 33 -1.44 -72.22 -3.42
CA THR A 33 -1.52 -73.10 -2.27
C THR A 33 -0.55 -74.29 -2.34
N ASP A 34 0.00 -74.53 -3.51
CA ASP A 34 0.94 -75.64 -3.67
C ASP A 34 2.35 -75.21 -3.27
N PRO A 35 2.92 -75.88 -2.26
CA PRO A 35 4.27 -75.55 -1.79
C PRO A 35 5.37 -75.49 -2.86
N SER A 36 5.04 -75.90 -4.08
CA SER A 36 6.03 -75.90 -5.17
C SER A 36 5.56 -75.10 -6.38
N ASP A 37 5.58 -73.77 -6.28
CA ASP A 37 5.15 -72.96 -7.41
C ASP A 37 6.36 -72.36 -8.14
N THR A 38 6.34 -72.43 -9.47
CA THR A 38 7.42 -71.91 -10.30
C THR A 38 7.47 -70.38 -10.33
N ARG A 39 6.72 -69.75 -9.43
CA ARG A 39 6.72 -68.29 -9.35
C ARG A 39 6.75 -67.81 -7.91
N GLY A 40 7.20 -66.57 -7.72
CA GLY A 40 7.33 -66.01 -6.38
C GLY A 40 6.05 -65.69 -5.64
N TYR A 41 5.00 -66.48 -5.85
CA TYR A 41 3.75 -66.21 -5.18
C TYR A 41 3.79 -66.63 -3.72
N SER A 42 3.12 -65.85 -2.89
CA SER A 42 3.08 -66.15 -1.47
C SER A 42 2.29 -67.44 -1.28
N LEU A 43 2.75 -68.27 -0.35
CA LEU A 43 2.06 -69.52 -0.07
C LEU A 43 1.25 -69.28 1.17
N LEU A 44 -0.03 -69.64 1.15
CA LEU A 44 -0.81 -69.47 2.37
C LEU A 44 -0.98 -70.84 2.99
N LYS A 45 -1.03 -70.89 4.31
CA LYS A 45 -1.16 -72.17 5.01
C LYS A 45 -2.08 -72.13 6.24
N SER A 46 -3.22 -72.81 6.12
CA SER A 46 -4.24 -72.94 7.17
C SER A 46 -5.61 -73.24 6.57
N LEU A 55 -14.32 -74.58 -2.16
CA LEU A 55 -14.88 -73.24 -2.34
C LEU A 55 -14.73 -72.76 -3.78
N GLY A 56 -13.71 -71.92 -4.03
CA GLY A 56 -13.47 -71.41 -5.37
C GLY A 56 -13.19 -69.90 -5.49
N VAL A 57 -14.24 -69.10 -5.39
CA VAL A 57 -14.11 -67.66 -5.51
C VAL A 57 -14.65 -67.02 -4.24
N ASP A 58 -15.21 -67.85 -3.36
CA ASP A 58 -15.78 -67.39 -2.08
C ASP A 58 -14.64 -67.59 -1.10
N PHE A 59 -13.51 -67.95 -1.68
CA PHE A 59 -12.28 -68.24 -0.97
C PHE A 59 -11.28 -67.07 -1.13
N ILE A 60 -11.54 -66.17 -2.08
CA ILE A 60 -10.64 -65.04 -2.30
C ILE A 60 -10.75 -63.93 -1.24
N ASP A 61 -11.83 -63.92 -0.47
CA ASP A 61 -11.93 -62.93 0.59
C ASP A 61 -11.00 -63.44 1.67
N THR A 62 -10.94 -64.76 1.80
CA THR A 62 -10.09 -65.42 2.80
C THR A 62 -8.62 -65.27 2.41
N LEU A 63 -8.32 -65.42 1.12
CA LEU A 63 -6.97 -65.26 0.62
C LEU A 63 -6.45 -63.89 1.03
N LEU A 64 -7.28 -62.87 0.78
CA LEU A 64 -6.95 -61.47 1.09
C LEU A 64 -6.73 -61.19 2.57
N LEU A 65 -7.75 -61.41 3.39
CA LEU A 65 -7.64 -61.14 4.81
C LEU A 65 -6.30 -61.69 5.35
N TYR A 66 -5.81 -62.74 4.70
CA TYR A 66 -4.54 -63.36 5.07
C TYR A 66 -3.37 -62.47 4.60
N GLN A 67 -3.20 -62.29 3.29
CA GLN A 67 -2.13 -61.46 2.76
C GLN A 67 -2.01 -60.14 3.53
N LEU A 68 -3.12 -59.64 4.06
CA LEU A 68 -3.11 -58.37 4.78
C LEU A 68 -2.88 -58.45 6.29
N THR A 69 -3.38 -59.50 6.95
CA THR A 69 -3.21 -59.61 8.40
C THR A 69 -2.35 -60.78 8.91
N GLU A 70 -1.73 -61.53 7.99
CA GLU A 70 -0.93 -62.70 8.35
C GLU A 70 0.45 -62.71 7.69
N ASN A 71 0.47 -62.61 6.37
CA ASN A 71 1.71 -62.62 5.62
C ASN A 71 2.67 -61.51 6.07
N GLU A 72 3.68 -61.87 6.86
CA GLU A 72 4.65 -60.90 7.36
C GLU A 72 5.59 -60.42 6.26
N LYS A 73 5.48 -61.05 5.10
CA LYS A 73 6.33 -60.73 3.96
C LYS A 73 5.83 -59.49 3.20
N LEU A 74 4.61 -59.06 3.51
CA LEU A 74 4.02 -57.88 2.88
C LEU A 74 4.21 -56.66 3.77
N ASP A 75 5.19 -55.82 3.43
CA ASP A 75 5.48 -54.61 4.22
C ASP A 75 4.61 -53.46 3.74
N LYS A 76 4.21 -53.53 2.47
CA LYS A 76 3.39 -52.50 1.85
C LYS A 76 2.01 -53.02 1.44
N PRO A 77 1.11 -53.24 2.43
CA PRO A 77 -0.24 -53.74 2.20
C PRO A 77 -0.97 -52.96 1.11
N PHE A 78 -0.89 -51.64 1.20
CA PHE A 78 -1.57 -50.77 0.24
C PHE A 78 -0.92 -50.83 -1.13
N GLU A 79 0.40 -50.69 -1.22
CA GLU A 79 1.04 -50.75 -2.52
C GLU A 79 0.65 -52.07 -3.19
N TYR A 80 0.32 -53.06 -2.36
CA TYR A 80 -0.09 -54.37 -2.84
C TYR A 80 -1.51 -54.31 -3.39
N LEU A 81 -2.47 -53.97 -2.52
CA LEU A 81 -3.87 -53.86 -2.94
C LEU A 81 -3.99 -53.07 -4.23
N ASN A 82 -3.09 -52.12 -4.46
CA ASN A 82 -3.15 -51.34 -5.68
C ASN A 82 -2.63 -52.13 -6.87
N ASP A 83 -1.57 -52.90 -6.65
CA ASP A 83 -1.02 -53.71 -7.73
C ASP A 83 -2.02 -54.78 -8.14
N CYS A 84 -2.82 -55.26 -7.17
CA CYS A 84 -3.84 -56.26 -7.47
C CYS A 84 -4.86 -55.57 -8.37
N PHE A 85 -5.51 -54.55 -7.82
CA PHE A 85 -6.49 -53.78 -8.56
C PHE A 85 -5.90 -53.45 -9.94
N ARG A 86 -4.63 -53.08 -9.96
CA ARG A 86 -3.91 -52.72 -11.18
C ARG A 86 -3.80 -53.86 -12.20
N ARG A 87 -3.68 -55.09 -11.71
CA ARG A 87 -3.56 -56.25 -12.60
C ARG A 87 -4.94 -56.75 -13.01
N ASN A 88 -5.89 -56.74 -12.08
CA ASN A 88 -7.26 -57.15 -12.34
C ASN A 88 -7.78 -56.33 -13.53
N GLN A 89 -7.42 -55.05 -13.55
CA GLN A 89 -7.82 -54.11 -14.60
C GLN A 89 -7.06 -54.31 -15.91
N GLN A 90 -6.14 -55.27 -15.90
CA GLN A 90 -5.35 -55.58 -17.09
C GLN A 90 -5.84 -56.93 -17.60
N GLN A 91 -6.26 -57.77 -16.66
CA GLN A 91 -6.78 -59.09 -16.99
C GLN A 91 -8.01 -58.83 -17.85
N LYS A 92 -8.72 -57.75 -17.54
CA LYS A 92 -9.92 -57.37 -18.27
C LYS A 92 -9.55 -56.87 -19.66
N ARG A 93 -8.59 -55.96 -19.75
CA ARG A 93 -8.15 -55.42 -21.04
C ARG A 93 -7.67 -56.48 -22.02
N ILE A 94 -7.70 -57.75 -21.59
CA ILE A 94 -7.26 -58.82 -22.47
C ILE A 94 -8.22 -59.99 -22.46
N THR A 95 -9.08 -60.05 -21.44
CA THR A 95 -10.07 -61.12 -21.33
C THR A 95 -11.26 -60.80 -22.23
N LYS A 96 -11.49 -59.51 -22.49
CA LYS A 96 -12.60 -59.11 -23.34
C LYS A 96 -12.22 -59.23 -24.82
N ASN A 97 -10.93 -59.34 -25.11
CA ASN A 97 -10.45 -59.48 -26.48
C ASN A 97 -10.36 -60.96 -26.88
N LYS A 98 -11.11 -61.80 -26.19
CA LYS A 98 -11.12 -63.24 -26.45
C LYS A 98 -12.54 -63.81 -26.40
N PRO A 99 -12.76 -64.92 -27.13
CA PRO A 99 -14.06 -65.59 -27.18
C PRO A 99 -14.44 -66.19 -25.83
N ASN A 100 -13.45 -66.78 -25.16
CA ASN A 100 -13.65 -67.35 -23.83
C ASN A 100 -13.45 -66.23 -22.83
N ALA A 101 -14.55 -65.81 -22.22
CA ALA A 101 -14.49 -64.72 -21.25
C ALA A 101 -15.87 -64.59 -20.62
N GLU A 102 -16.18 -65.48 -19.70
CA GLU A 102 -17.49 -65.40 -19.07
C GLU A 102 -17.50 -65.73 -17.60
N SER A 103 -16.89 -66.85 -17.25
CA SER A 103 -16.84 -67.23 -15.85
C SER A 103 -15.70 -66.42 -15.22
N LEU A 104 -15.01 -65.67 -16.07
CA LEU A 104 -13.92 -64.81 -15.63
C LEU A 104 -14.50 -63.48 -15.15
N HIS A 105 -15.77 -63.26 -15.44
CA HIS A 105 -16.44 -62.04 -14.99
C HIS A 105 -16.92 -62.27 -13.56
N SER A 106 -17.38 -63.49 -13.27
CA SER A 106 -17.87 -63.84 -11.94
C SER A 106 -16.79 -63.57 -10.89
N THR A 107 -15.54 -63.77 -11.31
CA THR A 107 -14.38 -63.58 -10.44
C THR A 107 -13.77 -62.18 -10.55
N PHE A 108 -13.46 -61.73 -11.76
CA PHE A 108 -12.93 -60.38 -11.97
C PHE A 108 -13.70 -59.37 -11.14
N GLN A 109 -14.99 -59.65 -10.91
CA GLN A 109 -15.88 -58.78 -10.15
C GLN A 109 -15.64 -58.88 -8.65
N GLU A 110 -15.63 -60.10 -8.10
CA GLU A 110 -15.39 -60.28 -6.68
C GLU A 110 -14.01 -59.73 -6.28
N ILE A 111 -13.11 -59.61 -7.25
CA ILE A 111 -11.80 -59.06 -7.00
C ILE A 111 -12.04 -57.57 -6.73
N ASP A 112 -12.53 -56.87 -7.75
CA ASP A 112 -12.84 -55.45 -7.63
C ASP A 112 -13.62 -55.13 -6.37
N ARG A 113 -14.48 -56.03 -5.93
CA ARG A 113 -15.27 -55.78 -4.74
C ARG A 113 -14.46 -55.83 -3.46
N LEU A 114 -13.46 -56.70 -3.41
CA LEU A 114 -12.67 -56.82 -2.20
C LEU A 114 -11.35 -56.06 -2.22
N VAL A 115 -10.80 -55.82 -3.41
CA VAL A 115 -9.56 -55.06 -3.49
C VAL A 115 -9.87 -53.62 -3.07
N ILE A 116 -10.88 -53.00 -3.69
CA ILE A 116 -11.27 -51.64 -3.35
C ILE A 116 -11.92 -51.65 -1.97
N GLY A 117 -12.78 -52.64 -1.73
CA GLY A 117 -13.44 -52.74 -0.43
C GLY A 117 -12.43 -52.75 0.70
N TYR A 118 -11.28 -53.38 0.49
CA TYR A 118 -10.24 -53.44 1.52
C TYR A 118 -9.38 -52.20 1.45
N GLY A 119 -9.13 -51.73 0.23
CA GLY A 119 -8.34 -50.53 0.05
C GLY A 119 -8.92 -49.41 0.90
N VAL A 120 -10.22 -49.50 1.20
CA VAL A 120 -10.92 -48.51 2.01
C VAL A 120 -10.67 -48.70 3.51
N VAL A 121 -10.56 -49.95 3.94
CA VAL A 121 -10.30 -50.21 5.35
C VAL A 121 -8.87 -49.81 5.68
N ALA A 122 -8.00 -49.97 4.69
CA ALA A 122 -6.59 -49.62 4.83
C ALA A 122 -6.49 -48.16 5.28
N LEU A 123 -7.27 -47.31 4.61
CA LEU A 123 -7.28 -45.88 4.91
C LEU A 123 -8.48 -45.47 5.77
N GLN A 124 -8.78 -46.26 6.81
CA GLN A 124 -9.89 -45.94 7.69
C GLN A 124 -9.69 -46.45 9.10
N ILE A 125 -9.08 -47.62 9.24
CA ILE A 125 -8.79 -48.19 10.57
C ILE A 125 -7.29 -48.10 10.76
N GLU A 126 -6.86 -47.39 11.80
CA GLU A 126 -5.44 -47.17 12.03
C GLU A 126 -4.54 -48.32 11.62
N ASN A 127 -4.42 -49.36 12.45
CA ASN A 127 -3.56 -50.47 12.08
C ASN A 127 -4.24 -51.81 11.92
N PHE A 128 -5.05 -51.89 10.89
CA PHE A 128 -5.76 -53.11 10.59
C PHE A 128 -4.80 -54.02 9.85
N CYS A 129 -3.77 -53.45 9.24
CA CYS A 129 -2.79 -54.23 8.51
C CYS A 129 -1.63 -54.71 9.37
N ASN A 131 1.75 -54.80 8.49
CA ASN A 131 2.90 -53.92 8.39
C ASN A 131 2.52 -52.52 7.90
N GLY A 132 3.07 -51.50 8.56
CA GLY A 132 2.81 -50.12 8.18
C GLY A 132 1.50 -49.54 8.69
N ALA A 133 1.42 -48.21 8.67
CA ALA A 133 0.23 -47.49 9.11
C ALA A 133 -0.05 -46.39 8.08
N PHE A 134 -1.08 -45.60 8.35
CA PHE A 134 -1.45 -44.53 7.43
C PHE A 134 -0.29 -43.80 6.77
N ILE A 135 0.64 -43.33 7.59
CA ILE A 135 1.81 -42.59 7.14
C ILE A 135 2.58 -43.30 6.06
N ASN A 136 2.76 -44.60 6.21
CA ASN A 136 3.51 -45.39 5.23
C ASN A 136 2.77 -45.53 3.90
N TYR A 137 1.47 -45.79 3.98
CA TYR A 137 0.68 -45.97 2.76
C TYR A 137 0.61 -44.67 1.97
N ILE A 138 0.25 -43.57 2.62
CA ILE A 138 0.14 -42.31 1.89
C ILE A 138 1.52 -41.82 1.46
N THR A 139 2.57 -42.31 2.12
CA THR A 139 3.92 -41.91 1.73
C THR A 139 4.18 -42.54 0.37
N GLY A 140 3.72 -43.79 0.23
CA GLY A 140 3.89 -44.51 -1.01
C GLY A 140 3.08 -43.84 -2.10
N ILE A 141 1.85 -43.49 -1.76
CA ILE A 141 0.95 -42.84 -2.70
C ILE A 141 1.59 -41.55 -3.22
N VAL A 142 2.13 -40.76 -2.29
CA VAL A 142 2.74 -39.49 -2.65
C VAL A 142 3.92 -39.66 -3.59
N SER A 143 4.68 -40.72 -3.39
CA SER A 143 5.86 -41.00 -4.21
C SER A 143 5.56 -41.15 -5.67
N ASN A 144 4.69 -42.11 -6.00
CA ASN A 144 4.31 -42.29 -7.40
C ASN A 144 2.78 -42.25 -7.40
N VAL A 145 2.26 -41.03 -7.39
CA VAL A 145 0.84 -40.80 -7.32
C VAL A 145 0.05 -41.25 -8.55
N ASN A 146 0.60 -41.04 -9.74
CA ASN A 146 -0.13 -41.43 -10.93
C ASN A 146 -0.47 -42.91 -11.03
N SER A 147 -0.01 -43.70 -10.07
CA SER A 147 -0.25 -45.14 -10.07
C SER A 147 -1.28 -45.62 -9.06
N TYR A 148 -1.80 -44.71 -8.24
CA TYR A 148 -2.81 -45.05 -7.25
C TYR A 148 -4.04 -44.26 -7.61
N THR A 149 -3.91 -43.44 -8.65
CA THR A 149 -4.98 -42.59 -9.12
C THR A 149 -6.32 -43.33 -9.33
N ASP A 150 -6.32 -44.34 -10.22
CA ASP A 150 -7.54 -45.13 -10.51
C ASP A 150 -8.07 -45.79 -9.25
N PHE A 151 -7.23 -46.59 -8.62
CA PHE A 151 -7.62 -47.30 -7.40
C PHE A 151 -8.21 -46.38 -6.32
N LEU A 152 -7.50 -45.30 -6.00
CA LEU A 152 -7.97 -44.35 -4.99
C LEU A 152 -9.34 -43.79 -5.37
N SER A 153 -9.42 -43.35 -6.62
CA SER A 153 -10.65 -42.78 -7.16
C SER A 153 -11.80 -43.70 -6.77
N GLN A 154 -11.62 -45.00 -7.02
CA GLN A 154 -12.61 -46.02 -6.71
C GLN A 154 -12.83 -46.21 -5.21
N ILE A 155 -11.77 -45.99 -4.44
CA ILE A 155 -11.84 -46.13 -3.00
C ILE A 155 -12.70 -45.02 -2.42
N ILE A 156 -12.59 -43.85 -3.05
CA ILE A 156 -13.34 -42.67 -2.65
C ILE A 156 -14.85 -42.90 -2.89
N GLN A 157 -15.21 -43.23 -4.14
CA GLN A 157 -16.61 -43.51 -4.52
C GLN A 157 -17.20 -44.48 -3.53
N ARG A 158 -16.43 -45.53 -3.27
CA ARG A 158 -16.83 -46.56 -2.34
C ARG A 158 -17.19 -45.92 -1.02
N ALA A 159 -16.27 -45.11 -0.53
CA ALA A 159 -16.44 -44.42 0.74
C ALA A 159 -17.73 -43.62 0.83
N ILE A 160 -17.98 -42.74 -0.15
CA ILE A 160 -19.19 -41.93 -0.10
C ILE A 160 -20.47 -42.76 -0.19
N LEU A 161 -20.55 -43.69 -1.15
CA LEU A 161 -21.73 -44.54 -1.29
C LEU A 161 -22.02 -45.32 -0.02
N GLU A 162 -20.97 -45.80 0.64
CA GLU A 162 -21.16 -46.57 1.86
C GLU A 162 -21.38 -45.66 3.07
N GLY A 163 -21.39 -44.36 2.82
CA GLY A 163 -21.59 -43.38 3.88
C GLY A 163 -20.27 -42.86 4.39
N THR A 164 -19.53 -43.73 5.06
CA THR A 164 -18.22 -43.40 5.62
C THR A 164 -17.28 -42.75 4.60
N ALA A 165 -17.00 -41.46 4.81
CA ALA A 165 -16.12 -40.72 3.92
C ALA A 165 -15.31 -39.75 4.76
N LEU A 166 -15.91 -39.25 5.83
CA LEU A 166 -15.22 -38.33 6.70
C LEU A 166 -14.03 -39.11 7.23
N ASP A 167 -14.28 -40.37 7.54
CA ASP A 167 -13.25 -41.27 8.05
C ASP A 167 -12.13 -41.46 7.03
N LEU A 168 -12.49 -41.55 5.75
CA LEU A 168 -11.49 -41.71 4.71
C LEU A 168 -10.58 -40.47 4.77
N LEU A 169 -11.22 -39.29 4.83
CA LEU A 169 -10.50 -38.02 4.90
C LEU A 169 -9.65 -37.86 6.15
N ASN A 170 -10.22 -38.15 7.33
CA ASN A 170 -9.48 -38.05 8.59
C ASN A 170 -8.27 -38.98 8.63
N ALA A 171 -8.14 -39.83 7.63
CA ALA A 171 -7.02 -40.75 7.58
C ALA A 171 -5.96 -40.29 6.59
N VAL A 172 -6.39 -39.83 5.43
CA VAL A 172 -5.42 -39.41 4.43
C VAL A 172 -4.93 -37.97 4.57
N PHE A 173 -5.75 -37.06 5.09
CA PHE A 173 -5.31 -35.66 5.19
C PHE A 173 -4.54 -35.23 6.42
N PRO A 174 -4.94 -35.66 7.62
CA PRO A 174 -4.13 -35.20 8.75
C PRO A 174 -2.74 -35.83 8.57
N THR A 175 -2.75 -36.96 7.87
CA THR A 175 -1.54 -37.71 7.58
C THR A 175 -0.72 -36.97 6.53
N LEU A 176 -1.38 -36.54 5.46
CA LEU A 176 -0.71 -35.77 4.41
C LEU A 176 0.02 -34.59 5.05
N LEU A 177 -0.53 -34.13 6.17
CA LEU A 177 0.00 -33.02 6.95
C LEU A 177 1.25 -33.47 7.68
N GLU A 178 1.15 -34.60 8.37
CA GLU A 178 2.31 -35.13 9.09
C GLU A 178 3.41 -35.48 8.07
N TYR A 179 3.02 -35.94 6.88
CA TYR A 179 4.01 -36.25 5.87
C TYR A 179 4.68 -34.97 5.39
N CYS A 180 3.89 -33.94 5.11
CA CYS A 180 4.48 -32.69 4.66
C CYS A 180 5.42 -32.06 5.69
N ASN A 181 5.10 -32.22 6.97
CA ASN A 181 5.92 -31.66 8.03
C ASN A 181 7.12 -32.50 8.41
N LYS A 182 6.88 -33.74 8.85
CA LYS A 182 7.97 -34.60 9.30
C LYS A 182 8.65 -35.58 8.34
N HIS A 183 8.04 -35.90 7.22
CA HIS A 183 8.69 -36.86 6.32
C HIS A 183 9.34 -36.27 5.07
N VAL A 184 9.52 -34.96 5.07
CA VAL A 184 10.17 -34.28 3.97
C VAL A 184 11.13 -33.33 4.68
N SER A 185 12.16 -32.86 4.00
CA SER A 185 13.08 -31.96 4.67
C SER A 185 12.45 -30.57 4.78
N HIS A 186 11.83 -30.13 3.68
CA HIS A 186 11.14 -28.85 3.62
C HIS A 186 10.07 -28.94 2.54
N PHE A 187 8.81 -28.70 2.89
CA PHE A 187 7.76 -28.75 1.88
C PHE A 187 7.71 -27.39 1.20
N ASP A 188 8.39 -27.28 0.07
CA ASP A 188 8.44 -26.03 -0.66
C ASP A 188 8.64 -26.23 -2.17
N LEU A 189 8.64 -25.12 -2.88
CA LEU A 189 8.79 -25.14 -4.33
C LEU A 189 10.01 -25.90 -4.86
N ASN A 190 10.87 -26.38 -3.97
CA ASN A 190 12.06 -27.10 -4.42
C ASN A 190 11.80 -28.58 -4.60
N GLU A 191 10.87 -29.12 -3.82
CA GLU A 191 10.50 -30.52 -3.92
C GLU A 191 9.47 -30.56 -5.03
N SER A 192 9.91 -30.28 -6.26
CA SER A 192 9.03 -30.24 -7.41
C SER A 192 8.10 -31.44 -7.60
N VAL A 193 8.62 -32.63 -7.39
CA VAL A 193 7.81 -33.82 -7.54
C VAL A 193 6.85 -33.99 -6.36
N ILE A 194 7.35 -33.90 -5.13
CA ILE A 194 6.50 -34.07 -3.95
C ILE A 194 5.35 -33.07 -3.83
N TYR A 195 5.62 -31.77 -3.95
CA TYR A 195 4.51 -30.82 -3.82
C TYR A 195 3.54 -31.00 -4.98
N ASN A 196 4.09 -31.13 -6.19
CA ASN A 196 3.26 -31.31 -7.37
C ASN A 196 2.34 -32.53 -7.23
N ASN A 197 2.84 -33.58 -6.58
CA ASN A 197 2.05 -34.78 -6.37
C ASN A 197 1.09 -34.61 -5.22
N VAL A 198 1.50 -33.87 -4.19
CA VAL A 198 0.62 -33.65 -3.06
C VAL A 198 -0.58 -32.83 -3.51
N LEU A 199 -0.37 -31.92 -4.46
CA LEU A 199 -1.50 -31.12 -4.95
C LEU A 199 -2.44 -32.07 -5.70
N THR A 200 -1.84 -32.92 -6.53
CA THR A 200 -2.60 -33.88 -7.33
C THR A 200 -3.56 -34.70 -6.48
N ILE A 201 -3.13 -35.11 -5.28
CA ILE A 201 -4.02 -35.89 -4.43
C ILE A 201 -5.08 -34.98 -3.77
N PHE A 202 -4.86 -33.68 -3.78
CA PHE A 202 -5.84 -32.74 -3.22
C PHE A 202 -6.94 -32.55 -4.25
N GLU A 203 -6.53 -32.31 -5.50
CA GLU A 203 -7.45 -32.11 -6.59
C GLU A 203 -8.30 -33.38 -6.73
N LEU A 204 -7.64 -34.47 -7.12
CA LEU A 204 -8.27 -35.78 -7.28
C LEU A 204 -9.33 -36.03 -6.18
N PHE A 205 -8.93 -35.82 -4.94
CA PHE A 205 -9.79 -36.03 -3.81
C PHE A 205 -10.93 -35.03 -3.66
N VAL A 206 -10.67 -33.79 -4.04
CA VAL A 206 -11.65 -32.73 -3.87
C VAL A 206 -12.57 -32.46 -5.07
N THR A 207 -12.27 -33.06 -6.23
CA THR A 207 -13.10 -32.87 -7.42
C THR A 207 -14.42 -33.63 -7.23
N PHE A 208 -14.50 -34.45 -6.17
CA PHE A 208 -15.70 -35.21 -5.85
C PHE A 208 -16.51 -34.30 -4.93
N LYS A 209 -17.60 -33.75 -5.45
CA LYS A 209 -18.40 -32.84 -4.66
C LYS A 209 -18.87 -33.32 -3.28
N PRO A 210 -19.23 -34.59 -3.13
CA PRO A 210 -19.67 -35.03 -1.80
C PRO A 210 -18.58 -34.89 -0.75
N ILE A 211 -17.33 -34.74 -1.21
CA ILE A 211 -16.18 -34.55 -0.33
C ILE A 211 -16.12 -33.08 0.00
N ALA A 212 -16.07 -32.26 -1.04
CA ALA A 212 -16.02 -30.81 -0.90
C ALA A 212 -16.96 -30.29 0.20
N GLU A 213 -18.22 -30.67 0.13
CA GLU A 213 -19.19 -30.21 1.12
C GLU A 213 -18.92 -30.68 2.54
N ILE A 214 -17.87 -31.46 2.72
CA ILE A 214 -17.54 -32.00 4.03
C ILE A 214 -16.09 -31.71 4.44
N PHE A 215 -15.27 -31.43 3.44
CA PHE A 215 -13.85 -31.20 3.66
C PHE A 215 -13.48 -30.43 4.91
N THR A 216 -14.09 -29.27 5.13
CA THR A 216 -13.80 -28.43 6.29
C THR A 216 -14.09 -29.06 7.65
N LYS A 217 -14.50 -30.32 7.67
CA LYS A 217 -14.78 -30.99 8.94
C LYS A 217 -13.59 -31.83 9.37
N ILE A 218 -12.68 -32.09 8.43
CA ILE A 218 -11.50 -32.89 8.70
C ILE A 218 -10.77 -32.46 9.96
N ASP A 219 -10.43 -33.42 10.82
CA ASP A 219 -9.73 -33.09 12.06
C ASP A 219 -8.53 -32.19 11.78
N GLY A 220 -8.46 -31.07 12.48
CA GLY A 220 -7.35 -30.14 12.32
C GLY A 220 -7.38 -29.21 11.13
N PHE A 221 -8.55 -29.02 10.55
CA PHE A 221 -8.68 -28.12 9.42
C PHE A 221 -8.53 -26.70 9.94
N PHE A 222 -8.90 -26.48 11.20
CA PHE A 222 -8.79 -25.16 11.81
C PHE A 222 -7.60 -25.04 12.75
N ALA A 223 -7.30 -23.82 13.17
CA ALA A 223 -6.19 -23.57 14.08
C ALA A 223 -6.53 -24.10 15.46
N ASP A 224 -5.51 -24.52 16.20
CA ASP A 224 -5.68 -25.10 17.52
C ASP A 224 -6.04 -24.20 18.70
N TYR A 225 -6.42 -22.95 18.44
CA TYR A 225 -6.79 -22.01 19.53
C TYR A 225 -5.64 -21.76 20.51
N SER A 226 -4.49 -22.34 20.21
CA SER A 226 -3.31 -22.19 21.05
C SER A 226 -2.17 -22.21 20.05
N CYS A 227 -2.54 -22.45 18.79
CA CYS A 227 -1.59 -22.51 17.71
C CYS A 227 -1.03 -21.12 17.43
N LYS A 228 0.29 -21.00 17.43
CA LYS A 228 0.93 -19.72 17.15
C LYS A 228 0.87 -19.41 15.65
N PRO A 229 0.69 -18.13 15.29
CA PRO A 229 0.62 -17.69 13.90
C PRO A 229 1.70 -18.15 12.92
N GLN A 230 2.85 -18.60 13.41
CA GLN A 230 3.89 -19.08 12.51
C GLN A 230 3.53 -20.49 12.09
N ASP A 231 2.74 -21.17 12.93
CA ASP A 231 2.33 -22.54 12.69
C ASP A 231 1.00 -22.76 11.96
N PHE A 232 0.31 -21.67 11.60
CA PHE A 232 -0.94 -21.79 10.89
C PHE A 232 -0.70 -22.58 9.62
N GLU A 233 0.37 -22.23 8.90
CA GLU A 233 0.71 -22.89 7.64
C GLU A 233 1.41 -24.22 7.84
N ARG A 234 1.47 -24.67 9.09
CA ARG A 234 2.12 -25.93 9.41
C ARG A 234 1.20 -26.97 10.03
N LYS A 235 0.39 -26.56 11.01
CA LYS A 235 -0.47 -27.50 11.73
C LYS A 235 -1.94 -27.42 11.36
N THR A 236 -2.19 -26.93 10.15
CA THR A 236 -3.54 -26.75 9.61
C THR A 236 -3.58 -27.50 8.28
N ILE A 237 -4.70 -28.16 7.98
CA ILE A 237 -4.83 -28.94 6.75
C ILE A 237 -4.39 -28.26 5.46
N LEU A 238 -4.98 -27.11 5.12
CA LEU A 238 -4.59 -26.43 3.89
C LEU A 238 -3.24 -25.75 4.05
N GLY A 239 -2.71 -25.82 5.26
CA GLY A 239 -1.44 -25.19 5.57
C GLY A 239 -0.31 -25.29 4.58
N PRO A 240 0.34 -26.45 4.50
CA PRO A 240 1.45 -26.69 3.59
C PRO A 240 1.27 -26.28 2.14
N ILE A 241 0.15 -26.63 1.50
CA ILE A 241 0.02 -26.25 0.10
C ILE A 241 -0.24 -24.76 -0.13
N LEU A 242 -0.90 -24.09 0.80
CA LEU A 242 -1.15 -22.66 0.64
C LEU A 242 0.19 -21.89 0.70
N SER A 243 1.23 -22.54 1.19
CA SER A 243 2.54 -21.91 1.32
C SER A 243 3.49 -22.08 0.13
N LEU A 244 3.17 -22.99 -0.79
CA LEU A 244 4.04 -23.21 -1.96
C LEU A 244 4.23 -21.87 -2.65
N SER A 245 5.46 -21.38 -2.72
CA SER A 245 5.72 -20.08 -3.35
C SER A 245 7.20 -19.78 -3.55
N PRO A 246 7.53 -18.92 -4.53
CA PRO A 246 8.94 -18.59 -4.76
C PRO A 246 9.55 -17.55 -3.81
N ILE A 247 8.73 -16.94 -2.94
CA ILE A 247 9.28 -15.98 -2.01
C ILE A 247 9.49 -16.60 -0.62
N GLU A 248 9.91 -17.87 -0.62
CA GLU A 248 10.22 -18.63 0.59
C GLU A 248 11.74 -18.65 0.58
N ALA A 249 12.35 -18.30 1.71
CA ALA A 249 13.80 -18.26 1.79
C ALA A 249 14.49 -19.45 1.15
N ALA A 250 14.07 -20.66 1.47
CA ALA A 250 14.70 -21.86 0.90
C ALA A 250 14.79 -21.80 -0.64
N VAL A 251 13.67 -21.44 -1.26
CA VAL A 251 13.62 -21.36 -2.70
C VAL A 251 14.48 -20.22 -3.21
N ALA A 252 14.39 -19.08 -2.52
CA ALA A 252 15.12 -17.90 -2.91
C ALA A 252 16.63 -18.11 -3.03
N ILE A 253 17.24 -18.77 -2.04
CA ILE A 253 18.68 -18.97 -2.09
C ILE A 253 19.07 -20.09 -3.06
N ARG A 254 18.19 -21.08 -3.22
CA ARG A 254 18.44 -22.19 -4.14
C ARG A 254 18.48 -21.63 -5.55
N ASN A 255 17.52 -20.79 -5.87
CA ASN A 255 17.46 -20.21 -7.21
C ASN A 255 18.36 -19.00 -7.48
N TYR A 256 18.45 -18.07 -6.54
CA TYR A 256 19.26 -16.87 -6.76
C TYR A 256 20.54 -16.78 -5.95
N GLY A 257 20.53 -17.30 -4.71
CA GLY A 257 21.70 -17.23 -3.84
C GLY A 257 22.83 -18.03 -4.47
N ASP A 258 22.41 -18.75 -5.48
CA ASP A 258 23.20 -19.59 -6.34
C ASP A 258 24.40 -18.79 -6.89
N ASN A 259 24.09 -17.61 -7.43
CA ASN A 259 25.05 -16.67 -8.00
C ASN A 259 24.35 -15.29 -7.99
N LEU A 260 24.61 -14.51 -6.95
CA LEU A 260 24.00 -13.20 -6.83
C LEU A 260 24.65 -12.16 -7.72
N LEU A 261 25.71 -12.57 -8.41
CA LEU A 261 26.43 -11.64 -9.27
C LEU A 261 26.03 -11.81 -10.73
N ARG A 262 25.11 -12.72 -11.04
CA ARG A 262 24.74 -12.89 -12.44
C ARG A 262 24.12 -11.66 -13.10
N SER A 263 24.14 -11.66 -14.42
CA SER A 263 23.63 -10.56 -15.24
C SER A 263 22.12 -10.42 -15.25
N LYS A 264 21.65 -9.22 -15.60
CA LYS A 264 20.22 -8.94 -15.67
C LYS A 264 19.52 -9.99 -16.53
N GLN A 265 20.18 -10.39 -17.62
CA GLN A 265 19.61 -11.37 -18.54
C GLN A 265 19.38 -12.71 -17.85
N GLN A 266 20.43 -13.26 -17.26
CA GLN A 266 20.34 -14.53 -16.56
C GLN A 266 19.41 -14.41 -15.35
N THR A 267 19.46 -13.26 -14.67
CA THR A 267 18.62 -13.00 -13.49
C THR A 267 17.17 -13.00 -13.94
N ALA A 268 16.90 -12.25 -15.01
CA ALA A 268 15.55 -12.14 -15.57
C ALA A 268 15.06 -13.51 -16.01
N ILE A 270 15.72 -16.68 -14.59
CA ILE A 270 15.20 -17.42 -13.46
C ILE A 270 13.92 -16.78 -12.91
N HIS A 271 13.75 -15.49 -13.16
CA HIS A 271 12.53 -14.82 -12.73
C HIS A 271 11.36 -15.38 -13.55
N GLU A 272 11.52 -15.39 -14.87
CA GLU A 272 10.48 -15.91 -15.75
C GLU A 272 10.11 -17.32 -15.38
N SER A 273 11.14 -18.10 -15.07
CA SER A 273 10.96 -19.48 -14.69
C SER A 273 10.11 -19.64 -13.42
N LEU A 274 10.53 -18.98 -12.35
CA LEU A 274 9.82 -19.03 -11.07
C LEU A 274 8.41 -18.48 -11.20
N GLN A 275 8.26 -17.45 -12.02
CA GLN A 275 6.94 -16.85 -12.23
C GLN A 275 6.01 -17.92 -12.82
N ALA A 276 6.50 -18.58 -13.86
CA ALA A 276 5.75 -19.62 -14.55
C ALA A 276 5.26 -20.67 -13.55
N GLU A 277 6.20 -21.15 -12.75
CA GLU A 277 5.88 -22.15 -11.75
C GLU A 277 4.85 -21.66 -10.73
N HIS A 278 4.96 -20.40 -10.31
CA HIS A 278 4.03 -19.82 -9.33
C HIS A 278 2.64 -19.65 -9.94
N LYS A 279 2.57 -19.18 -11.18
CA LYS A 279 1.27 -19.01 -11.83
C LYS A 279 0.50 -20.33 -11.78
N VAL A 280 1.19 -21.43 -12.10
CA VAL A 280 0.53 -22.72 -12.05
C VAL A 280 0.07 -23.10 -10.64
N VAL A 281 0.95 -22.93 -9.65
CA VAL A 281 0.58 -23.30 -8.30
C VAL A 281 -0.58 -22.47 -7.72
N ILE A 282 -0.72 -21.19 -8.05
CA ILE A 282 -1.86 -20.49 -7.47
C ILE A 282 -3.11 -20.85 -8.28
N ASP A 283 -2.93 -21.19 -9.56
CA ASP A 283 -4.07 -21.59 -10.38
C ASP A 283 -4.62 -22.92 -9.81
N ARG A 284 -3.72 -23.81 -9.41
CA ARG A 284 -4.15 -25.09 -8.86
C ARG A 284 -4.64 -24.88 -7.44
N LEU A 285 -4.02 -23.93 -6.78
CA LEU A 285 -4.36 -23.59 -5.41
C LEU A 285 -5.82 -23.06 -5.43
N PHE A 286 -6.11 -22.21 -6.40
CA PHE A 286 -7.45 -21.64 -6.53
C PHE A 286 -8.45 -22.76 -6.79
N PHE A 287 -8.15 -23.56 -7.82
CA PHE A 287 -8.98 -24.71 -8.19
C PHE A 287 -9.43 -25.48 -6.96
N ILE A 288 -8.49 -25.76 -6.07
CA ILE A 288 -8.81 -26.50 -4.88
C ILE A 288 -9.72 -25.76 -3.92
N VAL A 289 -9.44 -24.50 -3.63
CA VAL A 289 -10.31 -23.80 -2.68
C VAL A 289 -11.66 -23.42 -3.28
N ASP A 290 -11.71 -23.28 -4.59
CA ASP A 290 -12.96 -22.95 -5.26
C ASP A 290 -13.94 -24.12 -5.09
N LYS A 291 -13.45 -25.34 -5.28
CA LYS A 291 -14.26 -26.54 -5.11
C LYS A 291 -14.83 -26.60 -3.70
N LEU A 292 -14.04 -26.18 -2.72
CA LEU A 292 -14.45 -26.17 -1.32
C LEU A 292 -15.50 -25.08 -1.04
N VAL A 293 -15.37 -23.96 -1.75
CA VAL A 293 -16.28 -22.84 -1.57
C VAL A 293 -17.63 -23.19 -2.19
N ARG A 294 -17.60 -23.93 -3.29
CA ARG A 294 -18.84 -24.34 -3.98
C ARG A 294 -19.49 -25.54 -3.28
N GLY A 295 -18.73 -26.24 -2.45
CA GLY A 295 -19.25 -27.40 -1.76
C GLY A 295 -20.56 -27.19 -1.02
N SER A 296 -20.66 -26.10 -0.26
CA SER A 296 -21.87 -25.83 0.50
C SER A 296 -21.73 -24.57 1.33
N LEU A 297 -22.87 -23.98 1.69
CA LEU A 297 -22.85 -22.77 2.49
C LEU A 297 -22.05 -23.01 3.75
N ASN A 298 -22.16 -24.21 4.32
CA ASN A 298 -21.44 -24.50 5.55
C ASN A 298 -19.94 -24.56 5.33
N SER A 299 -19.54 -24.90 4.12
CA SER A 299 -18.13 -25.02 3.78
C SER A 299 -17.50 -23.65 3.56
N ARG A 300 -18.00 -22.91 2.57
CA ARG A 300 -17.45 -21.59 2.27
C ARG A 300 -17.47 -20.67 3.49
N THR A 301 -18.45 -20.87 4.37
CA THR A 301 -18.50 -20.06 5.58
C THR A 301 -17.26 -20.42 6.39
N ASP A 302 -16.95 -21.71 6.45
CA ASP A 302 -15.80 -22.21 7.18
C ASP A 302 -14.49 -21.75 6.56
N ILE A 304 -14.10 -18.88 5.07
CA ILE A 304 -13.99 -17.49 5.49
C ILE A 304 -13.45 -17.43 6.93
N SER A 305 -13.98 -18.27 7.82
CA SER A 305 -13.53 -18.29 9.21
C SER A 305 -12.05 -18.57 9.29
N TYR A 306 -11.62 -19.55 8.50
CA TYR A 306 -10.22 -19.98 8.45
C TYR A 306 -9.31 -18.79 8.09
N PHE A 307 -9.64 -18.14 6.98
CA PHE A 307 -8.88 -16.99 6.50
C PHE A 307 -8.97 -15.81 7.44
N ALA A 308 -10.15 -15.61 8.03
CA ALA A 308 -10.34 -14.51 8.97
C ALA A 308 -9.39 -14.65 10.15
N HIS A 309 -9.38 -15.83 10.77
CA HIS A 309 -8.51 -16.10 11.91
C HIS A 309 -7.05 -15.89 11.59
N ILE A 310 -6.61 -16.34 10.42
CA ILE A 310 -5.20 -16.15 10.02
C ILE A 310 -4.86 -14.64 10.01
N ALA A 311 -5.72 -13.85 9.38
CA ALA A 311 -5.52 -12.42 9.32
C ALA A 311 -5.60 -11.82 10.73
N ASN A 312 -6.70 -12.08 11.43
CA ASN A 312 -6.86 -11.54 12.78
C ASN A 312 -5.68 -11.65 13.71
N LYS A 313 -4.81 -12.63 13.48
CA LYS A 313 -3.67 -12.81 14.36
C LYS A 313 -2.33 -12.47 13.72
N ASN A 314 -2.36 -11.81 12.57
CA ASN A 314 -1.13 -11.45 11.88
C ASN A 314 -0.96 -9.96 11.69
N HIS A 315 -1.65 -9.18 12.53
CA HIS A 315 -1.55 -7.74 12.38
C HIS A 315 -0.14 -7.18 12.50
N LEU A 316 0.67 -7.70 13.40
CA LEU A 316 2.03 -7.18 13.54
C LEU A 316 2.88 -7.36 12.30
N ARG A 317 2.31 -8.00 11.28
CA ARG A 317 3.04 -8.22 10.02
C ARG A 317 3.24 -6.86 9.40
N ARG A 318 2.40 -5.92 9.81
CA ARG A 318 2.44 -4.58 9.28
C ARG A 318 3.07 -3.58 10.24
N ALA A 319 3.67 -4.08 11.31
CA ALA A 319 4.34 -3.25 12.32
C ALA A 319 5.68 -2.72 11.80
N ASP A 320 6.27 -1.76 12.51
CA ASP A 320 7.53 -1.18 12.09
C ASP A 320 8.69 -2.16 12.16
N HIS A 321 8.70 -2.97 13.21
CA HIS A 321 9.74 -3.96 13.39
C HIS A 321 9.01 -5.25 13.74
N PRO A 322 8.42 -5.89 12.71
CA PRO A 322 7.65 -7.14 12.88
C PRO A 322 8.41 -8.26 13.56
N PRO A 323 7.71 -8.99 14.45
CA PRO A 323 8.25 -10.14 15.19
C PRO A 323 8.11 -11.33 14.24
N PHE A 324 8.85 -11.23 13.13
CA PHE A 324 8.85 -12.20 12.05
C PHE A 324 8.64 -13.67 12.39
N LYS A 325 9.48 -14.21 13.27
CA LYS A 325 9.34 -15.61 13.64
C LYS A 325 8.06 -15.92 14.39
N GLU A 326 7.23 -14.91 14.64
CA GLU A 326 5.96 -15.10 15.35
C GLU A 326 4.81 -14.81 14.41
N LEU A 327 5.10 -14.69 13.12
CA LEU A 327 4.07 -14.39 12.15
C LEU A 327 4.10 -15.33 10.95
N SER A 328 2.99 -15.39 10.22
CA SER A 328 2.87 -16.23 9.03
C SER A 328 3.83 -15.73 7.95
N SER A 329 4.27 -16.63 7.07
CA SER A 329 5.23 -16.29 6.01
C SER A 329 4.65 -15.39 4.91
N ASN A 330 5.52 -14.62 4.26
CA ASN A 330 5.08 -13.73 3.20
C ASN A 330 4.52 -14.55 2.04
N GLY A 331 5.08 -15.75 1.83
CA GLY A 331 4.59 -16.60 0.76
C GLY A 331 3.15 -16.99 1.06
N PHE A 332 2.93 -17.49 2.28
CA PHE A 332 1.60 -17.91 2.75
C PHE A 332 0.56 -16.82 2.63
N SER A 334 0.77 -13.95 1.06
CA SER A 334 0.68 -13.43 -0.30
C SER A 334 -0.19 -14.31 -1.16
N ASN A 335 -0.12 -15.63 -0.99
CA ASN A 335 -0.93 -16.52 -1.82
C ASN A 335 -2.41 -16.35 -1.50
N ILE A 336 -2.72 -16.40 -0.20
CA ILE A 336 -4.09 -16.23 0.22
C ILE A 336 -4.67 -14.92 -0.35
N THR A 337 -3.82 -13.91 -0.50
CA THR A 337 -4.29 -12.64 -1.04
C THR A 337 -4.67 -12.85 -2.50
N LEU A 338 -3.76 -13.39 -3.31
CA LEU A 338 -4.07 -13.66 -4.73
C LEU A 338 -5.36 -14.50 -4.87
N LEU A 339 -5.55 -15.43 -3.94
CA LEU A 339 -6.72 -16.27 -3.98
C LEU A 339 -7.96 -15.41 -3.77
N LEU A 340 -8.04 -14.71 -2.64
CA LEU A 340 -9.17 -13.86 -2.34
C LEU A 340 -9.40 -12.82 -3.46
N VAL A 341 -8.33 -12.37 -4.11
CA VAL A 341 -8.47 -11.41 -5.20
C VAL A 341 -9.21 -12.05 -6.37
N ARG A 342 -9.17 -13.39 -6.44
CA ARG A 342 -9.83 -14.10 -7.53
C ARG A 342 -11.28 -14.38 -7.22
N PHE A 343 -11.58 -14.67 -5.96
CA PHE A 343 -12.95 -14.91 -5.60
C PHE A 343 -13.73 -13.62 -5.66
N SER A 344 -13.02 -12.51 -5.84
CA SER A 344 -13.65 -11.20 -5.91
C SER A 344 -13.77 -10.67 -7.32
N GLN A 345 -12.84 -11.08 -8.19
CA GLN A 345 -12.82 -10.65 -9.59
C GLN A 345 -14.18 -10.58 -10.28
N PRO A 346 -15.08 -11.56 -10.01
CA PRO A 346 -16.44 -11.65 -10.57
C PRO A 346 -17.36 -10.45 -10.28
N PHE A 347 -17.39 -10.00 -9.03
CA PHE A 347 -18.23 -8.87 -8.63
C PHE A 347 -17.75 -7.52 -9.14
N LEU A 348 -16.45 -7.37 -9.27
CA LEU A 348 -15.87 -6.10 -9.68
C LEU A 348 -15.38 -6.03 -11.11
N ASP A 349 -16.08 -6.67 -12.04
CA ASP A 349 -15.69 -6.61 -13.45
C ASP A 349 -16.22 -5.27 -13.96
N ILE A 350 -15.68 -4.76 -15.06
CA ILE A 350 -16.11 -3.45 -15.57
C ILE A 350 -17.60 -3.16 -15.79
N SER A 351 -18.46 -4.17 -15.82
CA SER A 351 -19.89 -3.92 -16.01
C SER A 351 -20.50 -3.46 -14.69
N TYR A 352 -19.82 -3.80 -13.59
CA TYR A 352 -20.27 -3.43 -12.25
C TYR A 352 -21.69 -3.84 -11.93
N LYS A 353 -22.23 -4.77 -12.71
CA LYS A 353 -23.60 -5.23 -12.50
C LYS A 353 -23.83 -5.93 -11.16
N LYS A 354 -22.86 -6.72 -10.73
CA LYS A 354 -23.00 -7.48 -9.47
C LYS A 354 -22.60 -6.71 -8.21
N ILE A 355 -22.16 -5.46 -8.41
CA ILE A 355 -21.69 -4.59 -7.33
C ILE A 355 -22.65 -4.39 -6.16
N ASP A 356 -23.86 -4.95 -6.26
CA ASP A 356 -24.85 -4.81 -5.20
C ASP A 356 -24.75 -5.92 -4.19
N LYS A 357 -24.09 -7.01 -4.57
CA LYS A 357 -23.95 -8.16 -3.68
C LYS A 357 -23.04 -7.86 -2.48
N ILE A 358 -22.33 -6.73 -2.57
CA ILE A 358 -21.44 -6.30 -1.51
C ILE A 358 -22.23 -5.34 -0.62
N ASP A 359 -22.55 -5.78 0.59
CA ASP A 359 -23.31 -4.97 1.53
C ASP A 359 -22.51 -3.79 2.09
N ALA A 360 -22.92 -2.57 1.72
CA ALA A 360 -22.24 -1.37 2.19
C ALA A 360 -22.34 -1.23 3.70
N ASN A 361 -23.44 -1.70 4.26
CA ASN A 361 -23.64 -1.62 5.72
C ASN A 361 -22.90 -2.74 6.44
N TYR A 362 -22.03 -3.44 5.74
CA TYR A 362 -21.27 -4.54 6.33
C TYR A 362 -20.81 -4.24 7.76
N PHE A 363 -20.31 -3.02 7.99
CA PHE A 363 -19.81 -2.62 9.30
C PHE A 363 -20.86 -2.06 10.26
N ASN A 364 -22.13 -2.09 9.86
CA ASN A 364 -23.19 -1.56 10.69
C ASN A 364 -23.41 -2.33 11.98
N ASN A 365 -23.23 -3.64 11.93
CA ASN A 365 -23.39 -4.46 13.13
C ASN A 365 -22.06 -5.06 13.56
N PRO A 366 -21.96 -5.56 14.81
CA PRO A 366 -20.68 -6.15 15.22
C PRO A 366 -20.24 -7.21 14.20
N SER A 367 -18.96 -7.24 13.88
CA SER A 367 -18.44 -8.19 12.90
C SER A 367 -18.49 -9.62 13.43
N LEU A 368 -18.55 -10.57 12.50
CA LEU A 368 -18.60 -11.98 12.87
C LEU A 368 -17.31 -12.70 12.51
N PHE A 369 -16.49 -12.06 11.68
CA PHE A 369 -15.23 -12.66 11.24
C PHE A 369 -14.02 -11.76 11.46
N ILE A 370 -13.87 -10.76 10.60
CA ILE A 370 -12.77 -9.82 10.70
C ILE A 370 -12.84 -9.10 12.06
N ASP A 371 -11.79 -9.18 12.87
CA ASP A 371 -11.81 -8.51 14.17
C ASP A 371 -11.37 -7.05 14.13
N LEU A 372 -12.35 -6.16 14.12
CA LEU A 372 -12.09 -4.73 14.03
C LEU A 372 -11.71 -4.02 15.32
N SER A 373 -11.47 -4.75 16.40
CA SER A 373 -11.09 -4.09 17.63
C SER A 373 -9.72 -3.45 17.38
N GLY A 374 -9.51 -2.26 17.91
CA GLY A 374 -8.23 -1.59 17.71
C GLY A 374 -7.97 -1.17 16.26
N GLU A 375 -9.00 -1.07 15.44
CA GLU A 375 -8.82 -0.66 14.05
C GLU A 375 -9.26 0.78 13.88
N THR A 376 -8.31 1.67 13.62
CA THR A 376 -8.63 3.07 13.42
C THR A 376 -9.62 3.15 12.27
N ARG A 377 -10.65 3.97 12.42
CA ARG A 377 -11.64 4.12 11.37
C ARG A 377 -11.44 5.38 10.54
N LEU A 378 -11.99 5.41 9.33
CA LEU A 378 -11.81 6.56 8.43
C LEU A 378 -12.06 7.92 9.05
N ASN A 379 -13.24 8.13 9.61
CA ASN A 379 -13.51 9.38 10.28
C ASN A 379 -14.50 9.16 11.41
N SER A 380 -14.02 8.50 12.46
CA SER A 380 -14.83 8.23 13.65
C SER A 380 -13.94 7.53 14.65
N ASP A 381 -14.50 7.19 15.80
CA ASP A 381 -13.70 6.52 16.81
C ASP A 381 -14.49 5.43 17.50
N PHE A 382 -13.80 4.71 18.37
CA PHE A 382 -14.38 3.60 19.11
C PHE A 382 -15.74 3.90 19.73
N LYS A 383 -15.80 4.90 20.58
CA LYS A 383 -17.08 5.25 21.20
C LYS A 383 -18.16 5.45 20.14
N GLU A 384 -17.84 6.15 19.05
CA GLU A 384 -18.81 6.41 17.98
C GLU A 384 -19.22 5.16 17.23
N ALA A 385 -18.24 4.31 16.92
CA ALA A 385 -18.50 3.08 16.18
C ALA A 385 -19.30 2.12 17.04
N ASP A 386 -18.90 1.99 18.30
CA ASP A 386 -19.58 1.10 19.24
C ASP A 386 -21.02 1.56 19.45
N ALA A 387 -21.18 2.88 19.53
CA ALA A 387 -22.47 3.51 19.71
C ALA A 387 -23.33 3.30 18.47
N PHE A 388 -22.69 3.36 17.30
CA PHE A 388 -23.40 3.17 16.05
C PHE A 388 -23.91 1.75 15.91
N TYR A 389 -23.35 0.85 16.71
CA TYR A 389 -23.76 -0.54 16.71
C TYR A 389 -25.14 -0.62 17.35
N ASP A 390 -25.29 0.14 18.44
CA ASP A 390 -26.55 0.20 19.18
C ASP A 390 -27.67 0.79 18.35
N LYS A 391 -27.38 1.85 17.61
CA LYS A 391 -28.40 2.46 16.79
C LYS A 391 -28.84 1.49 15.69
N ASN A 392 -28.36 0.25 15.79
CA ASN A 392 -28.71 -0.77 14.80
C ASN A 392 -29.02 -2.10 15.49
N ARG A 393 -29.62 -2.05 16.67
CA ARG A 393 -29.96 -3.25 17.43
C ARG A 393 -30.95 -4.12 16.67
N LYS A 394 -32.01 -3.48 16.17
CA LYS A 394 -33.10 -4.14 15.47
C LYS A 394 -32.80 -4.80 14.11
N THR A 395 -31.54 -5.08 13.80
CA THR A 395 -31.23 -5.76 12.54
C THR A 395 -30.50 -7.08 12.86
N ALA A 396 -30.47 -8.02 11.92
CA ALA A 396 -29.80 -9.28 12.25
C ALA A 396 -28.27 -9.25 12.34
N ASP A 397 -27.80 -9.81 13.45
CA ASP A 397 -26.36 -9.88 13.79
C ASP A 397 -25.57 -10.81 12.87
N SER A 398 -26.03 -12.07 12.79
CA SER A 398 -25.38 -13.06 11.95
C SER A 398 -26.11 -13.22 10.61
N LYS A 399 -25.57 -12.57 9.59
CA LYS A 399 -26.10 -12.62 8.23
C LYS A 399 -24.87 -12.58 7.31
N PRO A 400 -23.89 -13.49 7.56
CA PRO A 400 -22.65 -13.59 6.80
C PRO A 400 -22.70 -13.78 5.29
N ASN A 401 -23.11 -12.75 4.57
CA ASN A 401 -23.14 -12.86 3.12
C ASN A 401 -21.72 -13.21 2.66
N PHE A 402 -21.52 -14.36 2.00
CA PHE A 402 -20.17 -14.74 1.56
C PHE A 402 -19.55 -13.69 0.66
N ILE A 403 -20.24 -13.36 -0.42
CA ILE A 403 -19.73 -12.39 -1.38
C ILE A 403 -19.02 -11.20 -0.72
N SER A 404 -19.63 -10.61 0.31
CA SER A 404 -19.02 -9.45 0.97
C SER A 404 -18.04 -9.76 2.10
N ASP A 405 -18.03 -10.98 2.63
CA ASP A 405 -17.06 -11.31 3.66
C ASP A 405 -15.78 -11.45 2.85
N CYS A 406 -15.91 -12.08 1.69
CA CYS A 406 -14.80 -12.30 0.78
C CYS A 406 -14.16 -10.97 0.41
N PHE A 407 -15.00 -10.03 0.01
CA PHE A 407 -14.53 -8.70 -0.41
C PHE A 407 -13.70 -7.99 0.64
N PHE A 408 -14.28 -7.81 1.82
CA PHE A 408 -13.59 -7.12 2.89
C PHE A 408 -12.41 -7.88 3.45
N LEU A 409 -12.44 -9.22 3.33
CA LEU A 409 -11.32 -10.04 3.80
C LEU A 409 -10.17 -9.81 2.80
N THR A 410 -10.51 -9.64 1.52
CA THR A 410 -9.52 -9.39 0.48
C THR A 410 -8.80 -8.09 0.84
N LEU A 411 -9.59 -7.08 1.21
CA LEU A 411 -9.01 -5.80 1.57
C LEU A 411 -8.15 -5.96 2.81
N THR A 412 -8.62 -6.68 3.82
CA THR A 412 -7.77 -6.79 5.00
C THR A 412 -6.48 -7.58 4.68
N TYR A 413 -6.54 -8.48 3.70
CA TYR A 413 -5.33 -9.23 3.32
C TYR A 413 -4.42 -8.38 2.46
N LEU A 414 -5.01 -7.52 1.63
CA LEU A 414 -4.24 -6.63 0.74
C LEU A 414 -3.29 -5.81 1.61
N HIS A 415 -3.75 -5.52 2.82
CA HIS A 415 -3.01 -4.72 3.78
C HIS A 415 -2.02 -5.53 4.61
N TYR A 416 -2.54 -6.39 5.47
CA TYR A 416 -1.68 -7.21 6.34
C TYR A 416 -0.89 -8.33 5.64
N GLY A 417 -1.39 -8.81 4.51
CA GLY A 417 -0.69 -9.85 3.79
C GLY A 417 0.23 -9.24 2.75
N LEU A 418 -0.32 -8.87 1.59
CA LEU A 418 0.48 -8.28 0.54
C LEU A 418 1.23 -7.05 1.01
N GLY A 419 0.55 -6.22 1.81
CA GLY A 419 1.16 -5.02 2.33
C GLY A 419 2.34 -5.33 3.21
N GLY A 420 2.18 -6.38 4.01
CA GLY A 420 3.25 -6.80 4.90
C GLY A 420 4.46 -7.28 4.10
N THR A 421 4.19 -8.01 3.01
CA THR A 421 5.25 -8.52 2.17
C THR A 421 5.99 -7.40 1.46
N LEU A 422 5.25 -6.50 0.81
CA LEU A 422 5.90 -5.42 0.10
C LEU A 422 6.75 -4.50 1.00
N SER A 423 6.31 -4.25 2.22
CA SER A 423 7.09 -3.39 3.09
C SER A 423 8.37 -4.14 3.48
N PHE A 424 8.26 -5.44 3.65
CA PHE A 424 9.38 -6.27 4.00
C PHE A 424 10.53 -6.12 2.98
N GLU A 425 10.22 -6.02 1.69
CA GLU A 425 11.29 -5.89 0.72
C GLU A 425 11.77 -4.45 0.52
N GLU A 426 10.88 -3.47 0.68
CA GLU A 426 11.27 -2.07 0.53
C GLU A 426 12.44 -1.73 1.45
N LYS A 427 12.44 -2.34 2.64
CA LYS A 427 13.49 -2.10 3.63
C LYS A 427 14.78 -2.87 3.42
N GLY A 429 17.21 -3.04 0.90
CA GLY A 429 18.42 -2.38 0.44
C GLY A 429 19.16 -1.76 1.60
N SER A 430 18.42 -1.03 2.43
CA SER A 430 19.00 -0.39 3.58
C SER A 430 19.50 -1.43 4.60
N GLU A 431 18.91 -2.63 4.59
CA GLU A 431 19.36 -3.65 5.54
C GLU A 431 20.70 -4.18 5.06
N ILE A 432 20.76 -4.45 3.76
CA ILE A 432 21.97 -4.99 3.16
C ILE A 432 23.16 -4.06 3.34
N LYS A 433 22.93 -2.78 3.12
CA LYS A 433 23.99 -1.80 3.26
C LYS A 433 24.57 -1.90 4.68
N ALA A 434 23.68 -1.89 5.66
CA ALA A 434 24.07 -1.97 7.06
C ALA A 434 24.83 -3.24 7.41
N LEU A 435 24.37 -4.37 6.87
CA LEU A 435 25.01 -5.65 7.15
C LEU A 435 26.42 -5.71 6.59
N LYS A 436 26.58 -5.32 5.33
CA LYS A 436 27.88 -5.34 4.67
C LYS A 436 28.90 -4.51 5.44
N GLU A 437 28.42 -3.39 5.99
CA GLU A 437 29.24 -2.48 6.79
C GLU A 437 29.62 -3.12 8.10
N GLU A 438 28.65 -3.79 8.71
CA GLU A 438 28.90 -4.45 9.97
C GLU A 438 29.89 -5.57 9.84
N ILE A 439 29.76 -6.39 8.80
CA ILE A 439 30.70 -7.48 8.65
C ILE A 439 32.09 -6.93 8.32
N GLU A 440 32.18 -5.81 7.61
CA GLU A 440 33.48 -5.27 7.30
C GLU A 440 34.18 -4.76 8.54
N LYS A 441 33.41 -4.32 9.52
CA LYS A 441 33.99 -3.84 10.75
C LYS A 441 34.55 -5.05 11.50
N VAL A 442 33.70 -6.04 11.69
CA VAL A 442 34.07 -7.28 12.37
C VAL A 442 35.30 -7.92 11.71
N LYS A 443 35.33 -7.90 10.38
CA LYS A 443 36.43 -8.47 9.60
C LYS A 443 37.79 -7.87 9.90
N LYS A 444 37.80 -6.69 10.52
CA LYS A 444 39.05 -6.01 10.83
C LYS A 444 39.61 -6.36 12.21
N ILE A 445 38.81 -7.02 13.03
CA ILE A 445 39.25 -7.41 14.37
C ILE A 445 40.35 -8.48 14.29
N ALA A 446 41.39 -8.33 15.09
CA ALA A 446 42.48 -9.30 15.10
C ALA A 446 42.38 -10.07 16.40
N ALA A 447 41.94 -11.32 16.31
CA ALA A 447 41.77 -12.16 17.48
C ALA A 447 42.99 -13.05 17.73
N ASN A 448 43.74 -12.72 18.78
CA ASN A 448 44.93 -13.45 19.18
C ASN A 448 44.61 -14.81 19.78
N HIS A 449 43.84 -14.79 20.86
CA HIS A 449 43.44 -16.01 21.54
C HIS A 449 42.55 -16.88 20.67
N ASP A 450 42.92 -18.15 20.53
CA ASP A 450 42.16 -19.09 19.72
C ASP A 450 40.64 -19.11 19.96
N VAL A 451 40.20 -19.02 21.22
CA VAL A 451 38.78 -19.04 21.53
C VAL A 451 38.07 -17.78 20.98
N PHE A 452 38.75 -16.65 21.06
CA PHE A 452 38.20 -15.39 20.57
C PHE A 452 38.21 -15.38 19.05
N ALA A 453 39.22 -16.02 18.46
CA ALA A 453 39.35 -16.08 17.03
C ALA A 453 38.25 -16.94 16.46
N ARG A 454 37.90 -17.98 17.20
CA ARG A 454 36.85 -18.88 16.78
C ARG A 454 35.51 -18.16 16.94
N PHE A 455 35.41 -17.32 17.97
CA PHE A 455 34.20 -16.55 18.24
C PHE A 455 33.89 -15.54 17.14
N ILE A 456 34.89 -14.74 16.79
CA ILE A 456 34.70 -13.72 15.76
C ILE A 456 34.33 -14.34 14.43
N THR A 457 34.90 -15.50 14.12
CA THR A 457 34.61 -16.18 12.85
C THR A 457 33.16 -16.68 12.81
N ALA A 458 32.64 -17.08 13.97
CA ALA A 458 31.27 -17.55 14.06
C ALA A 458 30.36 -16.35 13.88
N GLN A 459 30.71 -15.27 14.56
CA GLN A 459 29.94 -14.04 14.50
C GLN A 459 29.82 -13.62 13.05
N LEU A 460 30.97 -13.60 12.39
CA LEU A 460 31.08 -13.22 10.99
C LEU A 460 30.29 -14.19 10.11
N SER A 461 30.46 -15.48 10.37
CA SER A 461 29.77 -16.51 9.62
C SER A 461 28.25 -16.34 9.62
N LYS A 462 27.68 -16.11 10.80
CA LYS A 462 26.24 -15.92 10.96
C LYS A 462 25.75 -14.68 10.22
N GLU A 464 27.12 -13.40 7.50
CA GLU A 464 27.21 -13.71 6.08
C GLU A 464 25.96 -14.50 5.67
N LYS A 465 25.57 -15.47 6.49
CA LYS A 465 24.40 -16.28 6.22
C LYS A 465 23.14 -15.39 6.17
N ALA A 466 23.10 -14.38 7.03
CA ALA A 466 21.97 -13.48 7.05
C ALA A 466 21.95 -12.72 5.74
N LEU A 467 23.10 -12.18 5.38
CA LEU A 467 23.23 -11.40 4.15
C LEU A 467 22.77 -12.21 2.93
N LYS A 468 23.22 -13.45 2.83
CA LYS A 468 22.84 -14.28 1.70
C LYS A 468 21.32 -14.40 1.69
N THR A 469 20.75 -14.78 2.82
CA THR A 469 19.31 -14.94 2.91
C THR A 469 18.57 -13.68 2.44
N THR A 470 19.05 -12.50 2.82
CA THR A 470 18.36 -11.28 2.40
C THR A 470 18.51 -10.95 0.91
N GLU A 471 19.73 -11.02 0.39
CA GLU A 471 19.95 -10.73 -1.02
C GLU A 471 19.21 -11.72 -1.90
N SER A 472 19.18 -12.98 -1.47
CA SER A 472 18.49 -14.01 -2.23
C SER A 472 17.01 -13.70 -2.21
N LEU A 473 16.51 -13.39 -1.02
CA LEU A 473 15.11 -13.09 -0.84
C LEU A 473 14.72 -11.83 -1.63
N ARG A 474 15.60 -10.83 -1.64
CA ARG A 474 15.32 -9.61 -2.37
C ARG A 474 15.04 -9.92 -3.85
N PHE A 475 15.89 -10.74 -4.46
CA PHE A 475 15.69 -11.14 -5.85
C PHE A 475 14.38 -11.93 -5.99
N ALA A 476 14.16 -12.90 -5.12
CA ALA A 476 12.94 -13.68 -5.18
C ALA A 476 11.73 -12.75 -5.13
N LEU A 477 11.68 -11.88 -4.11
CA LEU A 477 10.58 -10.93 -3.94
C LEU A 477 10.45 -9.97 -5.13
N GLN A 478 11.58 -9.55 -5.66
CA GLN A 478 11.58 -8.63 -6.79
C GLN A 478 10.93 -9.31 -7.99
N GLY A 479 11.23 -10.58 -8.19
CA GLY A 479 10.65 -11.32 -9.29
C GLY A 479 9.17 -11.57 -9.09
N PHE A 480 8.67 -11.37 -7.88
CA PHE A 480 7.26 -11.59 -7.60
C PHE A 480 6.42 -10.36 -7.87
N PHE A 481 6.92 -9.19 -7.52
CA PHE A 481 6.14 -7.98 -7.76
C PHE A 481 6.30 -7.54 -9.21
N ALA A 482 7.31 -8.10 -9.87
CA ALA A 482 7.57 -7.79 -11.27
C ALA A 482 6.82 -8.82 -12.11
N HIS A 483 6.11 -9.73 -11.45
CA HIS A 483 5.33 -10.76 -12.11
C HIS A 483 3.99 -10.11 -12.51
N ARG A 484 4.03 -9.45 -13.67
CA ARG A 484 2.91 -8.74 -14.27
C ARG A 484 1.52 -9.37 -14.14
N SER A 485 1.35 -10.52 -14.77
CA SER A 485 0.10 -11.27 -14.76
C SER A 485 -0.55 -11.29 -13.39
N LEU A 486 0.22 -11.64 -12.37
CA LEU A 486 -0.30 -11.73 -11.00
C LEU A 486 -0.62 -10.38 -10.39
N GLN A 487 0.29 -9.43 -10.56
CA GLN A 487 0.10 -8.10 -10.00
C GLN A 487 -1.09 -7.40 -10.64
N LEU A 488 -1.36 -7.73 -11.90
CA LEU A 488 -2.47 -7.11 -12.56
C LEU A 488 -3.78 -7.51 -11.89
N GLU A 489 -3.89 -8.76 -11.44
CA GLU A 489 -5.12 -9.19 -10.77
C GLU A 489 -5.33 -8.37 -9.51
N VAL A 490 -4.23 -7.97 -8.88
CA VAL A 490 -4.28 -7.20 -7.64
C VAL A 490 -4.76 -5.76 -7.86
N PHE A 491 -4.11 -5.04 -8.76
CA PHE A 491 -4.50 -3.66 -9.00
C PHE A 491 -5.94 -3.57 -9.51
N ASP A 492 -6.31 -4.52 -10.36
CA ASP A 492 -7.67 -4.54 -10.88
C ASP A 492 -8.63 -4.63 -9.70
N PHE A 493 -8.30 -5.45 -8.71
CA PHE A 493 -9.16 -5.57 -7.53
C PHE A 493 -9.29 -4.20 -6.86
N ILE A 494 -8.17 -3.49 -6.80
CA ILE A 494 -8.14 -2.16 -6.19
C ILE A 494 -9.10 -1.23 -6.95
N CYS A 495 -8.91 -1.13 -8.26
CA CYS A 495 -9.77 -0.29 -9.08
C CYS A 495 -11.24 -0.65 -8.91
N GLY A 496 -11.53 -1.94 -8.80
CA GLY A 496 -12.90 -2.35 -8.63
C GLY A 496 -13.41 -1.92 -7.27
N ALA A 497 -12.57 -2.09 -6.25
CA ALA A 497 -12.93 -1.74 -4.89
C ALA A 497 -13.17 -0.23 -4.78
N SER A 498 -12.42 0.55 -5.56
CA SER A 498 -12.56 1.99 -5.54
C SER A 498 -13.98 2.34 -5.90
N THR A 499 -14.40 1.88 -7.08
CA THR A 499 -15.75 2.10 -7.55
C THR A 499 -16.74 1.75 -6.47
N PHE A 500 -16.55 0.60 -5.82
CA PHE A 500 -17.47 0.22 -4.75
C PHE A 500 -17.51 1.26 -3.63
N LEU A 501 -16.36 1.72 -3.16
CA LEU A 501 -16.36 2.70 -2.07
C LEU A 501 -17.05 4.00 -2.50
N ILE A 502 -16.81 4.45 -3.73
CA ILE A 502 -17.46 5.68 -4.20
C ILE A 502 -18.97 5.51 -4.02
N ARG A 503 -19.48 4.35 -4.43
CA ARG A 503 -20.90 4.09 -4.29
C ARG A 503 -21.35 4.12 -2.82
N VAL A 504 -20.45 3.82 -1.90
CA VAL A 504 -20.82 3.80 -0.49
C VAL A 504 -20.93 5.23 0.06
N VAL A 505 -20.20 6.15 -0.57
CA VAL A 505 -20.23 7.55 -0.17
C VAL A 505 -21.45 8.16 -0.84
N ASP A 506 -21.51 8.07 -2.17
CA ASP A 506 -22.62 8.60 -2.97
C ASP A 506 -23.95 8.54 -2.23
N PRO A 507 -24.47 9.71 -1.81
CA PRO A 507 -25.74 9.81 -1.08
C PRO A 507 -26.77 8.83 -1.62
N GLU A 508 -27.03 8.92 -2.93
CA GLU A 508 -27.95 8.01 -3.61
C GLU A 508 -26.95 6.99 -4.16
N HIS A 509 -26.82 5.85 -3.50
CA HIS A 509 -25.85 4.86 -3.94
C HIS A 509 -26.16 4.33 -5.34
N GLU A 510 -25.58 4.96 -6.35
CA GLU A 510 -25.82 4.54 -7.72
C GLU A 510 -24.61 4.59 -8.65
N PHE A 511 -23.46 4.98 -8.12
CA PHE A 511 -22.24 5.02 -8.90
C PHE A 511 -21.93 3.56 -9.21
N PRO A 512 -21.30 3.28 -10.37
CA PRO A 512 -20.87 4.26 -11.36
C PRO A 512 -21.92 4.43 -12.46
N PHE A 513 -23.14 4.01 -12.17
CA PHE A 513 -24.22 4.14 -13.15
C PHE A 513 -24.57 5.61 -13.27
N LYS A 514 -25.02 6.21 -12.17
CA LYS A 514 -25.36 7.63 -12.15
C LYS A 514 -24.18 8.34 -11.46
N GLN A 515 -23.57 9.33 -12.15
CA GLN A 515 -22.44 10.07 -11.60
C GLN A 515 -22.66 10.54 -10.16
N ILE A 516 -21.60 11.06 -9.55
CA ILE A 516 -21.68 11.54 -8.17
C ILE A 516 -21.37 13.04 -8.12
N LYS A 517 -22.09 13.74 -7.24
CA LYS A 517 -21.92 15.19 -7.09
C LYS A 517 -21.08 15.53 -5.87
N LEU A 518 -20.00 16.26 -6.10
CA LEU A 518 -19.07 16.71 -5.06
C LEU A 518 -19.16 18.23 -5.11
N PRO A 519 -19.03 18.91 -3.96
CA PRO A 519 -18.83 18.43 -2.59
C PRO A 519 -20.09 17.81 -2.02
N LEU A 520 -19.92 16.90 -1.06
CA LEU A 520 -21.05 16.24 -0.44
C LEU A 520 -21.75 17.26 0.44
N ILE A 521 -20.96 18.03 1.18
CA ILE A 521 -21.51 19.08 2.01
C ILE A 521 -20.85 20.34 1.48
N PRO A 522 -21.62 21.44 1.41
CA PRO A 522 -21.10 22.72 0.90
C PRO A 522 -19.72 23.04 1.46
N ASP A 523 -18.87 23.62 0.62
CA ASP A 523 -17.52 24.00 1.02
C ASP A 523 -17.60 25.13 2.02
N GLN A 524 -16.67 25.14 2.95
CA GLN A 524 -16.63 26.19 3.95
C GLN A 524 -16.18 27.57 3.45
N ILE A 525 -17.15 28.41 3.09
CA ILE A 525 -16.88 29.78 2.66
C ILE A 525 -16.34 30.32 3.98
N GLY A 526 -17.02 29.88 5.04
CA GLY A 526 -16.62 30.23 6.39
C GLY A 526 -15.83 29.00 6.83
N VAL A 527 -14.62 28.88 6.28
CA VAL A 527 -13.73 27.77 6.59
C VAL A 527 -12.78 28.25 7.69
N GLU A 528 -12.85 29.55 7.94
CA GLU A 528 -12.04 30.19 8.96
C GLU A 528 -12.72 30.07 10.31
N ASN A 529 -12.91 28.84 10.79
CA ASN A 529 -13.55 28.61 12.08
C ASN A 529 -12.73 27.68 12.97
N VAL A 530 -13.34 27.31 14.10
CA VAL A 530 -12.74 26.41 15.07
C VAL A 530 -12.60 25.05 14.40
N ASP A 531 -11.42 24.44 14.51
CA ASP A 531 -11.14 23.13 13.89
C ASP A 531 -12.41 22.41 13.42
N ASN A 532 -12.57 22.34 12.11
CA ASN A 532 -13.72 21.68 11.50
C ASN A 532 -13.74 20.22 11.94
N ALA A 533 -12.60 19.76 12.44
CA ALA A 533 -12.44 18.38 12.90
C ALA A 533 -13.75 17.79 13.42
N ASP A 534 -14.36 18.46 14.40
CA ASP A 534 -15.61 17.98 14.97
C ASP A 534 -16.80 18.18 14.06
N PHE A 535 -16.85 19.32 13.39
CA PHE A 535 -17.94 19.61 12.47
C PHE A 535 -17.92 18.61 11.33
N LEU A 536 -16.74 18.40 10.74
CA LEU A 536 -16.58 17.47 9.61
C LEU A 536 -16.97 16.05 9.99
N ARG A 537 -16.44 15.55 11.11
CA ARG A 537 -16.78 14.20 11.57
C ARG A 537 -18.30 14.04 11.75
N ALA A 538 -18.97 15.10 12.18
CA ALA A 538 -20.40 15.03 12.37
C ALA A 538 -21.14 14.99 11.04
N HIS A 539 -20.55 15.59 9.99
CA HIS A 539 -21.19 15.61 8.68
C HIS A 539 -20.64 14.63 7.65
N ALA A 540 -19.86 13.66 8.14
CA ALA A 540 -19.27 12.65 7.27
C ALA A 540 -20.34 11.61 6.93
N PRO A 541 -20.31 11.07 5.69
CA PRO A 541 -21.27 10.06 5.21
C PRO A 541 -21.54 8.95 6.21
N VAL A 542 -22.82 8.81 6.59
CA VAL A 542 -23.31 7.83 7.57
C VAL A 542 -22.71 6.44 7.55
N PRO A 543 -22.53 5.84 6.36
CA PRO A 543 -21.92 4.49 6.39
C PRO A 543 -20.36 4.55 6.35
N PHE A 544 -19.84 5.21 5.33
CA PHE A 544 -18.41 5.36 5.08
C PHE A 544 -17.53 5.78 6.26
N LYS A 545 -18.03 6.67 7.11
CA LYS A 545 -17.25 7.13 8.25
C LYS A 545 -16.85 6.06 9.24
N TYR A 546 -17.57 4.94 9.24
CA TYR A 546 -17.25 3.88 10.19
C TYR A 546 -16.39 2.75 9.62
N TYR A 547 -16.02 2.89 8.35
CA TYR A 547 -15.19 1.91 7.66
C TYR A 547 -13.76 1.89 8.20
N PRO A 548 -13.15 0.69 8.29
CA PRO A 548 -11.78 0.64 8.80
C PRO A 548 -10.83 1.36 7.84
N GLU A 549 -9.84 2.02 8.42
CA GLU A 549 -8.86 2.79 7.69
C GLU A 549 -8.05 1.97 6.68
N PHE A 550 -7.78 0.71 7.00
CA PHE A 550 -6.98 -0.11 6.10
C PHE A 550 -7.59 -0.25 4.71
N VAL A 551 -8.90 -0.08 4.63
CA VAL A 551 -9.62 -0.14 3.36
C VAL A 551 -8.99 0.84 2.37
N VAL A 552 -8.44 1.93 2.90
CA VAL A 552 -7.80 2.93 2.06
C VAL A 552 -6.29 2.84 2.08
N GLU A 553 -5.72 2.42 3.21
CA GLU A 553 -4.27 2.33 3.30
C GLU A 553 -3.72 1.20 2.43
N GLY A 554 -4.41 0.06 2.45
CA GLY A 554 -3.99 -1.08 1.66
C GLY A 554 -3.75 -0.71 0.21
N PRO A 555 -4.77 -0.20 -0.48
CA PRO A 555 -4.63 0.19 -1.88
C PRO A 555 -3.53 1.20 -2.12
N VAL A 556 -3.44 2.23 -1.28
CA VAL A 556 -2.42 3.25 -1.47
C VAL A 556 -1.01 2.71 -1.28
N ASN A 557 -0.76 1.98 -0.19
CA ASN A 557 0.58 1.45 0.06
C ASN A 557 1.05 0.61 -1.09
N TYR A 558 0.21 -0.34 -1.51
CA TYR A 558 0.55 -1.20 -2.62
C TYR A 558 0.87 -0.34 -3.85
N SER A 559 -0.08 0.51 -4.23
CA SER A 559 0.07 1.36 -5.40
C SER A 559 1.34 2.20 -5.42
N LEU A 560 1.64 2.89 -4.33
CA LEU A 560 2.86 3.66 -4.29
C LEU A 560 4.03 2.70 -4.41
N TYR A 561 3.89 1.49 -3.85
CA TYR A 561 4.96 0.50 -3.90
C TYR A 561 5.32 -0.04 -5.29
N ILE A 562 4.42 -0.79 -5.92
CA ILE A 562 4.72 -1.37 -7.23
C ILE A 562 4.97 -0.33 -8.30
N SER A 563 4.75 0.93 -7.98
CA SER A 563 4.98 1.97 -8.98
C SER A 563 6.44 2.04 -9.38
N LYS A 564 7.32 1.49 -8.54
CA LYS A 564 8.74 1.53 -8.84
C LYS A 564 9.15 0.42 -9.79
N TYR A 565 8.20 -0.44 -10.15
CA TYR A 565 8.50 -1.54 -11.04
C TYR A 565 8.27 -1.23 -12.50
N GLN A 566 9.19 -1.73 -13.33
CA GLN A 566 9.15 -1.56 -14.77
C GLN A 566 7.83 -2.08 -15.30
N THR A 567 7.34 -3.13 -14.65
CA THR A 567 6.10 -3.80 -15.04
C THR A 567 4.91 -3.44 -14.17
N SER A 568 4.94 -2.25 -13.58
CA SER A 568 3.82 -1.82 -12.75
C SER A 568 2.50 -2.13 -13.44
N PRO A 569 1.52 -2.68 -12.71
CA PRO A 569 0.21 -3.00 -13.27
C PRO A 569 -0.50 -1.69 -13.56
N ILE A 570 -0.24 -0.72 -12.68
CA ILE A 570 -0.83 0.60 -12.78
C ILE A 570 -0.60 1.29 -14.12
N PHE A 571 0.56 1.06 -14.71
CA PHE A 571 0.89 1.71 -15.97
C PHE A 571 -0.08 1.43 -17.10
N ARG A 572 -0.73 2.50 -17.55
CA ARG A 572 -1.68 2.43 -18.64
C ARG A 572 -2.73 1.32 -18.51
N ASN A 573 -3.01 0.92 -17.29
CA ASN A 573 -4.02 -0.09 -17.04
C ASN A 573 -5.34 0.62 -17.34
N PRO A 574 -6.19 0.01 -18.15
CA PRO A 574 -7.48 0.59 -18.52
C PRO A 574 -8.48 0.88 -17.39
N ARG A 575 -8.13 0.60 -16.15
CA ARG A 575 -9.07 0.88 -15.06
C ARG A 575 -8.57 1.94 -14.06
N LEU A 576 -7.42 2.54 -14.34
CA LEU A 576 -6.85 3.55 -13.45
C LEU A 576 -7.87 4.60 -13.02
N GLY A 577 -8.67 5.08 -13.96
CA GLY A 577 -9.67 6.08 -13.63
C GLY A 577 -10.44 5.78 -12.35
N SER A 578 -10.86 4.54 -12.17
CA SER A 578 -11.60 4.18 -10.97
C SER A 578 -10.86 4.52 -9.69
N PHE A 579 -9.55 4.39 -9.71
CA PHE A 579 -8.77 4.70 -8.53
C PHE A 579 -8.53 6.20 -8.47
N VAL A 580 -8.10 6.78 -9.58
CA VAL A 580 -7.84 8.22 -9.64
C VAL A 580 -9.08 9.02 -9.24
N GLU A 581 -10.27 8.46 -9.46
CA GLU A 581 -11.52 9.11 -9.08
C GLU A 581 -11.66 9.03 -7.57
N PHE A 582 -11.50 7.84 -7.00
CA PHE A 582 -11.60 7.64 -5.56
C PHE A 582 -10.61 8.54 -4.86
N THR A 583 -9.39 8.57 -5.38
CA THR A 583 -8.38 9.41 -4.79
C THR A 583 -8.84 10.86 -4.80
N THR A 584 -9.18 11.37 -5.97
CA THR A 584 -9.63 12.76 -6.08
C THR A 584 -10.80 13.07 -5.15
N VAL A 586 -11.52 11.72 -2.20
CA VAL A 586 -11.03 11.79 -0.83
C VAL A 586 -10.30 13.11 -0.62
N LEU A 587 -9.59 13.54 -1.64
CA LEU A 587 -8.82 14.78 -1.58
C LEU A 587 -9.70 16.01 -1.78
N ARG A 588 -10.96 15.79 -2.11
CA ARG A 588 -11.87 16.90 -2.34
C ARG A 588 -12.79 17.19 -1.15
N CYS A 589 -13.25 16.15 -0.47
CA CYS A 589 -14.16 16.34 0.66
C CYS A 589 -13.49 15.90 1.95
N PRO A 590 -12.96 16.87 2.70
CA PRO A 590 -12.24 16.73 3.97
C PRO A 590 -12.91 15.87 5.03
N GLU A 591 -14.19 15.60 4.87
CA GLU A 591 -14.89 14.82 5.87
C GLU A 591 -14.82 13.31 5.66
N LEU A 592 -14.44 12.88 4.46
CA LEU A 592 -14.32 11.46 4.17
C LEU A 592 -13.30 10.74 5.05
N VAL A 593 -12.01 11.05 4.89
CA VAL A 593 -10.96 10.43 5.71
C VAL A 593 -10.21 11.50 6.51
N SER A 594 -10.25 11.40 7.83
CA SER A 594 -9.62 12.39 8.70
C SER A 594 -8.10 12.37 8.70
N ASN A 595 -7.50 11.18 8.61
CA ASN A 595 -6.05 11.04 8.63
C ASN A 595 -5.30 11.77 7.51
N PRO A 596 -4.55 12.83 7.86
CA PRO A 596 -3.81 13.60 6.86
C PRO A 596 -2.55 12.92 6.36
N HIS A 597 -2.00 12.02 7.18
CA HIS A 597 -0.80 11.31 6.77
C HIS A 597 -1.24 10.40 5.61
N LEU A 598 -2.39 9.77 5.79
CA LEU A 598 -2.96 8.90 4.78
C LEU A 598 -3.20 9.70 3.48
N LYS A 599 -3.98 10.78 3.56
CA LYS A 599 -4.24 11.59 2.36
C LYS A 599 -2.91 12.07 1.79
N GLY A 600 -1.89 12.11 2.64
CA GLY A 600 -0.59 12.54 2.18
C GLY A 600 -0.07 11.57 1.16
N LYS A 601 -0.32 10.28 1.40
CA LYS A 601 0.11 9.23 0.49
C LYS A 601 -0.67 9.35 -0.83
N LEU A 602 -1.98 9.56 -0.71
CA LEU A 602 -2.82 9.68 -1.90
C LEU A 602 -2.30 10.77 -2.82
N VAL A 603 -1.98 11.92 -2.27
CA VAL A 603 -1.50 13.01 -3.09
C VAL A 603 -0.13 12.68 -3.70
N GLN A 604 0.62 11.79 -3.05
CA GLN A 604 1.94 11.42 -3.54
C GLN A 604 1.80 10.48 -4.72
N LEU A 605 0.74 9.68 -4.73
CA LEU A 605 0.52 8.75 -5.82
C LEU A 605 0.23 9.57 -7.07
N LEU A 606 -0.75 10.46 -6.95
CA LEU A 606 -1.13 11.36 -8.03
C LEU A 606 0.09 12.05 -8.63
N SER A 607 1.07 12.38 -7.78
CA SER A 607 2.26 13.03 -8.28
C SER A 607 3.08 12.06 -9.14
N VAL A 608 2.99 10.78 -8.84
CA VAL A 608 3.73 9.78 -9.61
C VAL A 608 3.15 9.69 -11.02
N GLY A 609 1.85 9.91 -11.13
CA GLY A 609 1.19 9.85 -12.41
C GLY A 609 1.22 11.19 -13.13
N ALA A 610 1.92 12.16 -12.57
CA ALA A 610 2.02 13.49 -13.17
C ALA A 610 3.41 13.69 -13.73
N PRO A 612 6.55 13.77 -15.73
CA PRO A 612 6.64 13.54 -17.18
C PRO A 612 7.57 12.38 -17.46
N LEU A 613 7.20 11.53 -18.43
CA LEU A 613 8.04 10.41 -18.80
C LEU A 613 9.36 11.02 -19.25
N THR A 614 10.42 10.22 -19.37
CA THR A 614 11.69 10.80 -19.80
C THR A 614 11.59 11.23 -21.26
N ASP A 615 10.49 10.84 -21.90
CA ASP A 615 10.20 11.21 -23.29
C ASP A 615 9.55 12.57 -23.25
N ASN A 616 9.54 13.15 -22.04
CA ASN A 616 8.96 14.46 -21.79
C ASN A 616 7.50 14.48 -22.19
N SER A 617 6.93 13.30 -22.34
CA SER A 617 5.53 13.15 -22.69
C SER A 617 4.73 13.18 -21.39
N PRO A 618 3.44 13.57 -21.46
CA PRO A 618 2.60 13.62 -20.27
C PRO A 618 2.72 12.39 -19.36
N GLY A 619 2.57 12.60 -18.05
CA GLY A 619 2.63 11.50 -17.11
C GLY A 619 1.59 10.51 -17.52
N PHE A 620 1.68 9.27 -17.03
CA PHE A 620 0.72 8.26 -17.44
C PHE A 620 -0.68 8.49 -16.90
N ASP A 623 -3.66 11.91 -18.84
CA ASP A 623 -4.81 11.73 -19.70
C ASP A 623 -6.09 11.61 -18.88
N ILE A 624 -6.04 10.79 -17.82
CA ILE A 624 -7.22 10.64 -16.97
C ILE A 624 -7.59 11.96 -16.31
N PHE A 625 -6.56 12.67 -15.81
CA PHE A 625 -6.75 13.97 -15.15
C PHE A 625 -7.57 14.90 -16.03
N GLU A 626 -7.24 14.90 -17.31
CA GLU A 626 -7.92 15.76 -18.26
C GLU A 626 -9.34 15.36 -18.64
N HIS A 627 -9.56 14.12 -19.05
CA HIS A 627 -10.89 13.69 -19.49
C HIS A 627 -11.86 13.00 -18.52
N ASP A 628 -11.39 12.59 -17.35
CA ASP A 628 -12.32 11.92 -16.46
C ASP A 628 -13.24 12.95 -15.80
N GLU A 629 -14.50 12.96 -16.22
CA GLU A 629 -15.51 13.87 -15.68
C GLU A 629 -15.25 14.23 -14.22
N LEU A 630 -15.44 13.26 -13.34
CA LEU A 630 -15.26 13.46 -11.91
C LEU A 630 -13.94 14.10 -11.56
N VAL A 631 -12.86 13.57 -12.11
CA VAL A 631 -11.56 14.12 -11.81
C VAL A 631 -11.37 15.59 -12.19
N ASN A 632 -11.47 15.92 -13.47
CA ASN A 632 -11.25 17.30 -13.92
C ASN A 632 -12.19 18.38 -13.36
N LYS A 633 -13.25 17.95 -12.69
CA LYS A 633 -14.17 18.91 -12.10
C LYS A 633 -13.75 19.25 -10.68
N ASN A 634 -13.10 18.31 -10.01
CA ASN A 634 -12.73 18.53 -8.62
C ASN A 634 -11.25 18.45 -8.26
N LEU A 635 -10.40 18.03 -9.19
CA LEU A 635 -8.96 17.89 -8.89
C LEU A 635 -8.29 19.18 -8.42
N LEU A 636 -8.26 20.18 -9.28
CA LEU A 636 -7.62 21.44 -8.96
C LEU A 636 -8.04 22.00 -7.60
N TYR A 637 -9.35 22.07 -7.35
CA TYR A 637 -9.81 22.61 -6.07
C TYR A 637 -9.29 21.77 -4.90
N ALA A 638 -9.40 20.45 -5.03
CA ALA A 638 -8.93 19.54 -3.99
C ALA A 638 -7.46 19.79 -3.66
N LEU A 639 -6.61 19.88 -4.67
CA LEU A 639 -5.19 20.12 -4.43
C LEU A 639 -4.94 21.42 -3.67
N LEU A 640 -5.55 22.51 -4.12
CA LEU A 640 -5.35 23.80 -3.46
C LEU A 640 -5.88 23.83 -2.04
N ASP A 641 -6.99 23.14 -1.80
CA ASP A 641 -7.57 23.12 -0.44
C ASP A 641 -6.71 22.26 0.49
N PHE A 642 -6.20 21.15 -0.03
CA PHE A 642 -5.38 20.26 0.78
C PHE A 642 -4.01 20.88 1.07
N TYR A 643 -3.52 21.73 0.17
CA TYR A 643 -2.21 22.37 0.36
C TYR A 643 -2.28 23.14 1.65
N VAL A 644 -3.42 23.78 1.86
CA VAL A 644 -3.65 24.57 3.05
C VAL A 644 -3.99 23.73 4.26
N ILE A 645 -4.91 22.79 4.12
CA ILE A 645 -5.31 21.95 5.25
C ILE A 645 -4.23 21.13 5.96
N VAL A 646 -3.17 20.71 5.27
CA VAL A 646 -2.14 19.92 5.96
C VAL A 646 -1.38 20.71 7.02
N GLU A 647 -1.32 22.03 6.88
CA GLU A 647 -0.62 22.87 7.84
C GLU A 647 -1.14 22.61 9.25
N LYS A 648 -2.45 22.77 9.41
CA LYS A 648 -3.12 22.58 10.70
C LYS A 648 -2.99 21.15 11.25
N THR A 649 -1.96 20.43 10.82
CA THR A 649 -1.79 19.07 11.30
C THR A 649 -0.42 18.69 11.82
N GLY A 650 -0.05 17.45 11.60
CA GLY A 650 1.20 16.91 12.08
C GLY A 650 0.76 16.14 13.30
N SER A 651 1.57 15.21 13.79
CA SER A 651 1.19 14.42 14.96
C SER A 651 2.41 13.80 15.64
N SER A 652 3.04 14.56 16.53
CA SER A 652 4.22 14.09 17.25
C SER A 652 5.41 13.93 16.29
N SER A 653 5.88 15.05 15.76
CA SER A 653 7.00 15.12 14.81
C SER A 653 6.70 14.51 13.43
N GLN A 654 5.41 14.42 13.10
CA GLN A 654 4.96 13.94 11.81
C GLN A 654 4.83 15.33 11.20
N PHE A 655 5.87 16.13 11.46
CA PHE A 655 5.99 17.54 11.06
C PHE A 655 6.30 17.76 9.57
N TYR A 656 7.22 16.96 9.03
CA TYR A 656 7.59 17.13 7.62
C TYR A 656 6.62 16.52 6.61
N ASP A 657 5.44 16.12 7.05
CA ASP A 657 4.48 15.58 6.12
C ASP A 657 3.85 16.72 5.36
N LYS A 658 3.47 17.77 6.08
CA LYS A 658 2.85 18.93 5.44
C LYS A 658 3.74 19.47 4.31
N PHE A 659 5.05 19.33 4.46
CA PHE A 659 5.96 19.79 3.43
C PHE A 659 6.10 18.78 2.30
N ASN A 660 6.09 17.50 2.62
CA ASN A 660 6.19 16.51 1.55
C ASN A 660 4.88 16.48 0.79
N SER A 661 3.77 16.67 1.49
CA SER A 661 2.49 16.70 0.81
C SER A 661 2.48 17.90 -0.14
N ARG A 662 3.06 19.01 0.30
CA ARG A 662 3.09 20.18 -0.57
C ARG A 662 4.03 19.99 -1.73
N TYR A 663 5.16 19.32 -1.51
CA TYR A 663 6.07 19.10 -2.61
C TYR A 663 5.31 18.36 -3.71
N SER A 664 4.51 17.38 -3.30
CA SER A 664 3.74 16.59 -4.25
C SER A 664 2.70 17.42 -4.95
N ILE A 665 1.90 18.15 -4.17
CA ILE A 665 0.87 18.98 -4.75
C ILE A 665 1.50 19.94 -5.75
N SER A 666 2.70 20.42 -5.44
CA SER A 666 3.38 21.34 -6.33
C SER A 666 3.64 20.69 -7.67
N ILE A 667 4.20 19.50 -7.68
CA ILE A 667 4.49 18.77 -8.93
C ILE A 667 3.26 18.69 -9.83
N ILE A 668 2.17 18.19 -9.26
CA ILE A 668 0.94 18.08 -9.99
C ILE A 668 0.49 19.44 -10.55
N LEU A 669 0.55 20.46 -9.70
CA LEU A 669 0.14 21.81 -10.08
C LEU A 669 1.00 22.36 -11.21
N GLU A 670 2.31 22.19 -11.11
CA GLU A 670 3.19 22.68 -12.16
C GLU A 670 2.85 22.01 -13.50
N GLU A 671 2.71 20.69 -13.50
CA GLU A 671 2.39 19.98 -14.73
C GLU A 671 0.98 20.26 -15.24
N LEU A 672 -0.03 20.11 -14.39
CA LEU A 672 -1.38 20.40 -14.85
C LEU A 672 -1.45 21.75 -15.57
N TYR A 673 -0.56 22.67 -15.19
CA TYR A 673 -0.56 24.00 -15.78
C TYR A 673 0.14 24.07 -17.13
N TYR A 674 1.18 23.26 -17.31
CA TYR A 674 1.91 23.25 -18.56
C TYR A 674 1.17 22.50 -19.66
N LYS A 675 0.73 21.30 -19.33
CA LYS A 675 0.10 20.42 -20.29
C LYS A 675 -1.41 20.34 -20.46
N ILE A 676 -2.19 21.02 -19.64
CA ILE A 676 -3.64 20.90 -19.83
C ILE A 676 -4.41 22.22 -19.72
N PRO A 677 -4.55 22.92 -20.85
CA PRO A 677 -5.28 24.19 -20.84
C PRO A 677 -6.50 24.15 -19.91
N SER A 678 -7.24 23.05 -19.95
CA SER A 678 -8.42 22.91 -19.10
C SER A 678 -8.15 23.38 -17.67
N TYR A 679 -7.06 22.92 -17.08
CA TYR A 679 -6.70 23.28 -15.70
C TYR A 679 -6.16 24.70 -15.56
N LYS A 680 -5.28 25.10 -16.47
CA LYS A 680 -4.73 26.46 -16.46
C LYS A 680 -5.88 27.47 -16.40
N ASN A 681 -6.99 27.12 -17.02
CA ASN A 681 -8.15 27.98 -17.02
C ASN A 681 -8.79 28.04 -15.64
N GLN A 682 -8.99 26.87 -15.04
CA GLN A 682 -9.61 26.78 -13.72
C GLN A 682 -8.82 27.57 -12.68
N LEU A 683 -7.48 27.52 -12.79
CA LEU A 683 -6.63 28.25 -11.87
C LEU A 683 -7.02 29.72 -11.96
N ILE A 684 -6.77 30.29 -13.14
CA ILE A 684 -7.09 31.68 -13.44
C ILE A 684 -8.50 32.04 -12.97
N TRP A 685 -9.46 31.19 -13.29
CA TRP A 685 -10.84 31.43 -12.89
C TRP A 685 -10.88 31.57 -11.39
N GLN A 686 -10.39 30.54 -10.72
CA GLN A 686 -10.36 30.49 -9.28
C GLN A 686 -9.83 31.79 -8.67
N SER A 687 -8.75 32.32 -9.24
CA SER A 687 -8.12 33.54 -8.74
C SER A 687 -8.97 34.80 -8.90
N GLN A 688 -9.89 34.77 -9.86
CA GLN A 688 -10.75 35.91 -10.13
C GLN A 688 -12.14 35.75 -9.54
N ASN A 689 -12.69 34.56 -9.63
CA ASN A 689 -14.03 34.30 -9.11
C ASN A 689 -14.08 33.76 -7.69
N ASN A 690 -12.91 33.51 -7.09
CA ASN A 690 -12.89 32.95 -5.74
C ASN A 690 -11.58 33.31 -5.05
N ALA A 691 -11.13 34.54 -5.25
CA ALA A 691 -9.88 35.02 -4.67
C ALA A 691 -9.68 34.67 -3.19
N ASP A 692 -10.73 34.75 -2.39
CA ASP A 692 -10.58 34.43 -0.98
C ASP A 692 -10.00 33.03 -0.80
N PHE A 693 -10.43 32.10 -1.65
CA PHE A 693 -9.96 30.71 -1.61
C PHE A 693 -8.60 30.58 -2.26
N PHE A 694 -8.38 31.30 -3.35
CA PHE A 694 -7.11 31.26 -4.05
C PHE A 694 -6.02 31.95 -3.24
N VAL A 695 -6.41 32.99 -2.50
CA VAL A 695 -5.46 33.73 -1.67
C VAL A 695 -5.04 32.90 -0.47
N ARG A 696 -5.99 32.13 0.08
CA ARG A 696 -5.71 31.28 1.24
C ARG A 696 -4.57 30.37 0.83
N PHE A 697 -4.64 29.86 -0.40
CA PHE A 697 -3.61 28.99 -0.93
C PHE A 697 -2.27 29.70 -1.13
N VAL A 698 -2.25 30.75 -1.94
CA VAL A 698 -0.98 31.44 -2.20
C VAL A 698 -0.35 32.01 -0.92
N ALA A 699 -1.19 32.31 0.07
CA ALA A 699 -0.70 32.85 1.34
C ALA A 699 0.19 31.83 2.04
N ARG A 700 -0.26 30.57 2.09
CA ARG A 700 0.53 29.52 2.72
C ARG A 700 1.81 29.28 1.93
N LEU A 702 3.34 31.39 0.32
CA LEU A 702 4.14 32.59 0.61
C LEU A 702 4.87 32.42 1.95
N ASN A 703 4.12 32.20 3.03
CA ASN A 703 4.73 32.03 4.34
C ASN A 703 5.84 31.02 4.33
N ASP A 704 5.55 29.81 3.89
CA ASP A 704 6.57 28.78 3.84
C ASP A 704 7.86 29.25 3.14
N LEU A 705 7.71 30.05 2.09
CA LEU A 705 8.86 30.54 1.35
C LEU A 705 9.74 31.54 2.12
N THR A 706 9.23 32.04 3.25
CA THR A 706 10.04 32.96 4.04
C THR A 706 11.14 32.17 4.75
N PHE A 707 10.86 30.92 5.14
CA PHE A 707 11.86 30.14 5.85
C PHE A 707 12.48 28.93 5.14
N LEU A 708 11.78 28.36 4.17
CA LEU A 708 12.31 27.17 3.47
C LEU A 708 13.77 27.27 3.04
N LEU A 709 14.11 28.20 2.17
CA LEU A 709 15.50 28.28 1.75
C LEU A 709 16.41 28.45 2.94
N ASP A 710 15.89 29.12 3.97
CA ASP A 710 16.69 29.35 5.17
C ASP A 710 17.08 28.09 5.93
N GLU A 711 16.11 27.22 6.19
CA GLU A 711 16.44 26.02 6.94
C GLU A 711 17.06 24.97 6.05
N GLY A 712 16.69 24.97 4.78
CA GLY A 712 17.29 24.04 3.88
C GLY A 712 18.77 24.36 3.91
N LEU A 713 19.08 25.66 4.00
CA LEU A 713 20.46 26.15 4.05
C LEU A 713 21.17 25.82 5.36
N SER A 714 20.39 25.76 6.44
CA SER A 714 20.91 25.49 7.77
C SER A 714 21.12 24.00 8.00
N ASN A 715 20.19 23.20 7.49
CA ASN A 715 20.29 21.75 7.61
C ASN A 715 21.49 21.31 6.78
N LEU A 716 21.76 22.09 5.73
CA LEU A 716 22.87 21.84 4.82
C LEU A 716 24.21 22.16 5.46
N ALA A 717 24.22 23.17 6.32
CA ALA A 717 25.44 23.55 7.00
C ALA A 717 25.85 22.43 7.92
N GLU A 718 24.85 21.75 8.47
CA GLU A 718 25.03 20.64 9.39
C GLU A 718 25.55 19.39 8.70
N VAL A 719 24.95 19.02 7.57
CA VAL A 719 25.38 17.87 6.81
C VAL A 719 26.86 18.05 6.41
N HIS A 720 27.51 19.01 7.07
CA HIS A 720 28.91 19.30 6.83
C HIS A 720 29.59 19.36 8.19
N ASN A 721 28.92 19.95 9.17
CA ASN A 721 29.47 20.01 10.53
C ASN A 721 29.55 18.59 11.09
N ILE A 722 28.84 17.67 10.43
CA ILE A 722 28.83 16.28 10.84
C ILE A 722 29.85 15.48 10.02
N GLN A 723 29.91 15.72 8.71
CA GLN A 723 30.89 15.04 7.86
C GLN A 723 32.28 15.53 8.25
N ASN A 724 32.28 16.59 9.05
CA ASN A 724 33.49 17.24 9.54
C ASN A 724 34.16 16.44 10.66
N GLU A 725 33.42 16.18 11.74
CA GLU A 725 33.95 15.41 12.86
C GLU A 725 34.36 14.01 12.39
N LEU A 726 34.01 13.69 11.15
CA LEU A 726 34.37 12.41 10.56
C LEU A 726 35.81 12.48 10.03
N ASP A 727 36.71 13.03 10.85
CA ASP A 727 38.12 13.20 10.50
C ASP A 727 38.29 13.73 9.08
N GLU A 740 28.94 10.58 19.20
CA GLU A 740 28.74 9.13 19.09
C GLU A 740 28.21 8.71 17.72
N ASP A 741 29.09 8.16 16.88
CA ASP A 741 28.76 7.73 15.53
C ASP A 741 27.41 7.07 15.25
N LYS A 742 27.09 5.98 15.93
CA LYS A 742 25.82 5.29 15.71
C LYS A 742 24.64 6.25 15.52
N GLU A 743 24.56 7.26 16.39
CA GLU A 743 23.51 8.28 16.37
C GLU A 743 23.98 9.57 15.68
N LEU A 744 25.29 9.67 15.49
CA LEU A 744 25.93 10.83 14.85
C LEU A 744 25.64 10.71 13.34
N GLN A 745 25.42 9.47 12.90
CA GLN A 745 25.14 9.20 11.51
C GLN A 745 23.65 9.20 11.21
N THR A 746 22.83 8.84 12.20
CA THR A 746 21.39 8.86 11.99
C THR A 746 20.91 10.31 12.09
N ARG A 747 21.77 11.17 12.62
CA ARG A 747 21.48 12.59 12.78
C ARG A 747 21.77 13.26 11.43
N LEU A 748 22.89 12.88 10.82
CA LEU A 748 23.29 13.43 9.54
C LEU A 748 22.35 13.00 8.44
N ALA A 749 21.73 11.83 8.60
CA ALA A 749 20.78 11.31 7.62
C ALA A 749 19.43 11.99 7.75
N SER A 750 19.19 12.56 8.93
CA SER A 750 17.94 13.27 9.19
C SER A 750 18.13 14.69 8.70
N ALA A 751 19.36 15.20 8.80
CA ALA A 751 19.68 16.55 8.39
C ALA A 751 19.58 16.68 6.88
N SER A 752 20.31 15.83 6.17
CA SER A 752 20.30 15.87 4.72
C SER A 752 18.89 15.63 4.15
N ARG A 753 18.09 14.80 4.81
CA ARG A 753 16.73 14.57 4.34
C ARG A 753 15.86 15.83 4.44
N GLN A 754 16.05 16.59 5.52
CA GLN A 754 15.30 17.81 5.76
C GLN A 754 15.80 18.93 4.85
N ALA A 755 17.03 18.79 4.38
CA ALA A 755 17.60 19.77 3.47
C ALA A 755 16.92 19.55 2.13
N LYS A 756 17.18 18.39 1.54
CA LYS A 756 16.62 18.06 0.23
C LYS A 756 15.11 18.25 0.22
N SER A 757 14.48 18.11 1.37
CA SER A 757 13.05 18.29 1.43
C SER A 757 12.68 19.77 1.45
N SER A 758 13.56 20.57 2.04
CA SER A 758 13.33 22.01 2.13
C SER A 758 13.73 22.76 0.85
N CYS A 759 14.95 22.55 0.37
CA CYS A 759 15.39 23.21 -0.88
C CYS A 759 14.49 22.77 -2.02
N GLY A 760 13.96 21.58 -1.88
CA GLY A 760 13.06 21.04 -2.88
C GLY A 760 11.82 21.89 -2.98
N LEU A 761 11.02 21.92 -1.93
CA LEU A 761 9.78 22.71 -1.93
C LEU A 761 10.06 24.17 -2.28
N ALA A 762 11.23 24.68 -1.92
CA ALA A 762 11.62 26.06 -2.22
C ALA A 762 11.58 26.27 -3.73
N ASP A 763 12.40 25.50 -4.44
CA ASP A 763 12.50 25.56 -5.89
C ASP A 763 11.14 25.39 -6.58
N LYS A 764 10.37 24.41 -6.16
CA LYS A 764 9.05 24.15 -6.76
C LYS A 764 8.00 25.21 -6.45
N SER A 765 8.18 25.95 -5.37
CA SER A 765 7.22 26.99 -5.02
C SER A 765 7.53 28.28 -5.75
N LYS A 767 8.86 28.36 -8.70
CA LYS A 767 8.44 28.07 -10.06
C LYS A 767 6.95 28.36 -10.22
N LEU A 768 6.15 28.02 -9.22
CA LEU A 768 4.73 28.30 -9.30
C LEU A 768 4.43 29.80 -9.28
N PHE A 769 5.15 30.56 -8.46
CA PHE A 769 4.95 32.01 -8.41
C PHE A 769 5.35 32.59 -9.76
N GLU A 770 6.43 32.06 -10.33
CA GLU A 770 6.88 32.52 -11.63
C GLU A 770 5.77 32.23 -12.64
N ILE A 771 5.50 30.95 -12.84
CA ILE A 771 4.47 30.48 -13.75
C ILE A 771 3.13 31.19 -13.66
N TYR A 772 2.60 31.30 -12.45
CA TYR A 772 1.30 31.93 -12.20
C TYR A 772 1.27 33.44 -12.38
N SER A 773 2.34 34.10 -11.92
CA SER A 773 2.38 35.55 -12.01
C SER A 773 2.40 36.00 -13.48
N LYS A 774 2.96 35.17 -14.34
CA LYS A 774 3.03 35.50 -15.75
C LYS A 774 1.65 35.76 -16.35
N ASP A 775 0.65 34.99 -15.95
CA ASP A 775 -0.67 35.17 -16.51
C ASP A 775 -1.65 35.99 -15.68
N ILE A 776 -1.52 35.97 -14.35
CA ILE A 776 -2.43 36.74 -13.50
C ILE A 776 -1.71 37.61 -12.48
N PRO A 777 -0.83 38.52 -12.94
CA PRO A 777 -0.09 39.39 -12.02
C PRO A 777 -0.97 40.13 -11.02
N ALA A 778 -2.19 40.48 -11.43
CA ALA A 778 -3.11 41.21 -10.56
C ALA A 778 -3.37 40.52 -9.23
N ALA A 779 -3.52 39.20 -9.27
CA ALA A 779 -3.79 38.42 -8.07
C ALA A 779 -2.69 38.54 -7.03
N PHE A 780 -1.46 38.75 -7.46
CA PHE A 780 -0.36 38.87 -6.53
C PHE A 780 -0.10 40.27 -6.00
N VAL A 781 -0.93 41.23 -6.37
CA VAL A 781 -0.73 42.60 -5.87
C VAL A 781 -1.88 43.08 -4.97
N THR A 782 -2.77 42.16 -4.64
CA THR A 782 -3.88 42.48 -3.74
C THR A 782 -3.21 42.83 -2.41
N PRO A 783 -3.74 43.84 -1.70
CA PRO A 783 -3.20 44.28 -0.41
C PRO A 783 -2.69 43.21 0.55
N GLU A 784 -3.44 42.12 0.73
CA GLU A 784 -2.99 41.09 1.66
C GLU A 784 -1.85 40.21 1.21
N ILE A 785 -1.46 40.32 -0.06
CA ILE A 785 -0.37 39.51 -0.56
C ILE A 785 0.86 40.33 -0.94
N VAL A 786 0.60 41.49 -1.52
CA VAL A 786 1.66 42.38 -2.03
C VAL A 786 2.80 42.74 -1.10
N TYR A 787 2.49 43.29 0.08
CA TYR A 787 3.52 43.67 1.02
C TYR A 787 4.31 42.46 1.52
N ARG A 788 3.62 41.38 1.85
CA ARG A 788 4.28 40.17 2.32
C ARG A 788 5.12 39.55 1.19
N LEU A 789 4.58 39.61 -0.03
CA LEU A 789 5.25 39.06 -1.21
C LEU A 789 6.55 39.80 -1.52
N ALA A 790 6.50 41.13 -1.41
CA ALA A 790 7.68 41.95 -1.65
C ALA A 790 8.77 41.63 -0.63
N SER A 791 8.36 41.51 0.63
CA SER A 791 9.30 41.23 1.70
C SER A 791 9.94 39.85 1.57
N LEU A 793 10.36 38.09 -1.25
CA LEU A 793 11.24 38.09 -2.41
C LEU A 793 12.56 38.78 -2.09
N ASN A 794 12.49 40.00 -1.55
CA ASN A 794 13.72 40.72 -1.22
C ASN A 794 14.54 39.90 -0.24
N TYR A 795 13.87 39.17 0.65
CA TYR A 795 14.57 38.39 1.64
C TYR A 795 15.36 37.22 1.05
N ASN A 796 14.72 36.47 0.16
CA ASN A 796 15.38 35.35 -0.49
C ASN A 796 16.44 35.87 -1.44
N LEU A 797 16.12 36.94 -2.14
CA LEU A 797 17.08 37.53 -3.06
C LEU A 797 18.37 37.81 -2.27
N GLU A 798 18.21 38.36 -1.07
CA GLU A 798 19.36 38.68 -0.23
C GLU A 798 20.18 37.44 0.09
N SER A 799 19.52 36.31 0.29
CA SER A 799 20.21 35.06 0.60
C SER A 799 21.00 34.59 -0.61
N LEU A 800 20.29 34.37 -1.72
CA LEU A 800 20.85 33.89 -2.98
C LEU A 800 22.00 34.71 -3.54
N VAL A 801 21.94 36.02 -3.35
CA VAL A 801 22.96 36.91 -3.89
C VAL A 801 24.15 37.16 -2.95
N GLY A 802 24.01 36.77 -1.70
CA GLY A 802 25.07 36.99 -0.73
C GLY A 802 25.67 35.80 -0.03
N PRO A 803 26.44 36.06 1.04
CA PRO A 803 27.10 35.01 1.83
C PRO A 803 26.24 33.84 2.29
N LYS A 804 24.98 34.08 2.61
CA LYS A 804 24.12 32.98 3.07
C LYS A 804 24.25 31.78 2.15
N CYS A 805 24.23 32.02 0.84
CA CYS A 805 24.40 30.93 -0.11
C CYS A 805 25.84 30.93 -0.62
N GLY A 806 26.44 32.11 -0.66
CA GLY A 806 27.80 32.26 -1.14
C GLY A 806 28.95 31.66 -0.36
N GLU A 807 28.71 31.17 0.86
CA GLU A 807 29.79 30.58 1.65
C GLU A 807 29.52 29.10 1.84
N LEU A 808 28.31 28.68 1.49
CA LEU A 808 27.94 27.29 1.65
C LEU A 808 28.81 26.39 0.81
N LYS A 809 29.31 25.33 1.42
CA LYS A 809 30.17 24.37 0.73
C LYS A 809 29.64 22.94 0.96
N VAL A 810 28.58 22.58 0.25
CA VAL A 810 27.99 21.25 0.38
C VAL A 810 28.62 20.25 -0.57
N LYS A 811 28.68 19.00 -0.13
CA LYS A 811 29.26 17.90 -0.91
C LYS A 811 28.87 17.95 -2.37
N ASP A 812 27.69 17.46 -2.69
CA ASP A 812 27.22 17.45 -4.06
C ASP A 812 25.86 18.10 -4.19
N PRO A 813 25.83 19.43 -4.30
CA PRO A 813 24.60 20.22 -4.42
C PRO A 813 23.36 19.47 -4.88
N GLN A 814 23.34 19.11 -6.16
CA GLN A 814 22.20 18.42 -6.74
C GLN A 814 21.55 17.32 -5.91
N SER A 815 22.36 16.52 -5.23
CA SER A 815 21.82 15.43 -4.43
C SER A 815 20.70 15.85 -3.46
N TYR A 816 20.79 17.08 -2.94
CA TYR A 816 19.79 17.59 -1.99
C TYR A 816 18.79 18.56 -2.64
N SER A 817 18.61 18.47 -3.96
CA SER A 817 17.70 19.34 -4.70
C SER A 817 18.03 20.82 -4.42
N PHE A 818 19.32 21.15 -4.43
CA PHE A 818 19.78 22.51 -4.16
C PHE A 818 20.50 23.19 -5.33
N ASN A 819 19.73 23.87 -6.19
CA ASN A 819 20.28 24.57 -7.35
C ASN A 819 20.08 26.06 -7.12
N PRO A 820 20.97 26.68 -6.34
CA PRO A 820 20.88 28.11 -6.04
C PRO A 820 20.64 28.98 -7.25
N LYS A 821 21.45 28.81 -8.28
CA LYS A 821 21.34 29.60 -9.50
C LYS A 821 20.00 29.44 -10.21
N ASP A 822 19.44 28.24 -10.20
CA ASP A 822 18.16 28.03 -10.87
C ASP A 822 17.02 28.68 -10.08
N LEU A 823 17.21 28.79 -8.78
CA LEU A 823 16.22 29.38 -7.89
C LEU A 823 16.27 30.90 -7.97
N LEU A 824 17.47 31.46 -8.13
CA LEU A 824 17.64 32.89 -8.24
C LEU A 824 16.96 33.33 -9.53
N LYS A 825 16.93 32.44 -10.51
CA LYS A 825 16.30 32.74 -11.80
C LYS A 825 14.78 32.79 -11.67
N ALA A 826 14.20 31.83 -10.96
CA ALA A 826 12.75 31.84 -10.78
C ALA A 826 12.33 33.07 -9.98
N LEU A 827 13.20 33.47 -9.03
CA LEU A 827 12.95 34.64 -8.19
C LEU A 827 12.84 35.88 -9.06
N THR A 828 13.95 36.24 -9.69
CA THR A 828 14.00 37.41 -10.55
C THR A 828 12.92 37.42 -11.64
N THR A 829 12.59 36.26 -12.19
CA THR A 829 11.55 36.20 -13.21
C THR A 829 10.24 36.65 -12.60
N VAL A 830 10.07 36.38 -11.31
CA VAL A 830 8.84 36.80 -10.64
C VAL A 830 8.77 38.33 -10.59
N TYR A 831 9.88 38.97 -10.23
CA TYR A 831 9.92 40.42 -10.18
C TYR A 831 9.44 40.96 -11.52
N ILE A 832 10.03 40.44 -12.59
CA ILE A 832 9.71 40.85 -13.94
C ILE A 832 8.25 40.62 -14.34
N ASN A 833 7.64 39.53 -13.89
CA ASN A 833 6.24 39.31 -14.25
C ASN A 833 5.29 40.27 -13.52
N LEU A 834 5.83 41.02 -12.56
CA LEU A 834 5.02 41.95 -11.78
C LEU A 834 5.48 43.41 -11.92
N SER A 835 6.65 43.60 -12.54
CA SER A 835 7.24 44.92 -12.72
C SER A 835 6.36 46.04 -13.28
N GLU A 836 5.26 45.71 -13.94
CA GLU A 836 4.41 46.76 -14.47
C GLU A 836 3.13 46.89 -13.65
N GLN A 837 3.24 46.54 -12.36
CA GLN A 837 2.15 46.62 -11.39
C GLN A 837 2.57 47.70 -10.40
N SER A 838 1.94 48.87 -10.47
CA SER A 838 2.31 49.97 -9.59
C SER A 838 2.40 49.58 -8.12
N GLU A 839 1.38 48.88 -7.64
CA GLU A 839 1.35 48.47 -6.24
C GLU A 839 2.54 47.59 -5.85
N PHE A 840 2.93 46.68 -6.75
CA PHE A 840 4.07 45.80 -6.49
C PHE A 840 5.39 46.54 -6.41
N ILE A 841 5.65 47.38 -7.42
CA ILE A 841 6.89 48.13 -7.44
C ILE A 841 6.93 49.05 -6.21
N SER A 842 5.78 49.60 -5.86
CA SER A 842 5.67 50.47 -4.70
C SER A 842 6.12 49.72 -3.44
N ALA A 843 5.53 48.54 -3.23
CA ALA A 843 5.83 47.69 -2.07
C ALA A 843 7.32 47.31 -1.96
N VAL A 844 7.89 46.85 -3.08
CA VAL A 844 9.30 46.46 -3.15
C VAL A 844 10.15 47.66 -2.77
N ALA A 845 9.69 48.84 -3.15
CA ALA A 845 10.42 50.05 -2.87
C ALA A 845 10.35 50.41 -1.39
N LYS A 846 9.20 50.15 -0.78
CA LYS A 846 9.00 50.48 0.62
C LYS A 846 9.45 49.42 1.63
N ASP A 847 9.91 48.27 1.17
CA ASP A 847 10.37 47.24 2.10
C ASP A 847 11.71 47.63 2.72
N GLU A 848 11.67 48.27 3.87
CA GLU A 848 12.88 48.69 4.53
C GLU A 848 13.86 47.55 4.81
N ARG A 849 13.36 46.52 5.46
CA ARG A 849 14.13 45.33 5.85
C ARG A 849 15.20 44.78 4.88
N SER A 850 14.84 44.49 3.63
CA SER A 850 15.83 43.94 2.71
C SER A 850 15.93 44.44 1.24
N PHE A 851 15.43 45.65 0.94
CA PHE A 851 15.56 46.17 -0.42
C PHE A 851 16.72 47.15 -0.55
N ASN A 852 17.51 46.91 -1.59
CA ASN A 852 18.70 47.70 -1.91
C ASN A 852 18.96 47.40 -3.38
N ARG A 853 18.90 48.41 -4.25
CA ARG A 853 19.11 48.18 -5.68
C ARG A 853 20.33 47.30 -6.00
N ASN A 854 21.42 47.48 -5.27
CA ASN A 854 22.63 46.71 -5.49
C ASN A 854 22.34 45.21 -5.52
N LEU A 855 21.42 44.74 -4.69
CA LEU A 855 21.10 43.32 -4.66
C LEU A 855 20.75 42.84 -6.07
N PHE A 856 19.97 43.64 -6.80
CA PHE A 856 19.58 43.28 -8.17
C PHE A 856 20.79 43.33 -9.10
N VAL A 857 21.72 44.23 -8.77
CA VAL A 857 22.96 44.39 -9.53
C VAL A 857 23.71 43.08 -9.56
N ARG A 858 24.22 42.67 -8.40
CA ARG A 858 24.97 41.43 -8.30
C ARG A 858 24.11 40.23 -8.57
N ALA A 859 22.81 40.45 -8.79
CA ALA A 859 21.92 39.33 -9.10
C ALA A 859 22.09 39.06 -10.58
N VAL A 860 22.33 40.12 -11.33
CA VAL A 860 22.56 40.03 -12.78
C VAL A 860 23.96 39.45 -12.94
N ASP A 861 24.92 40.16 -12.36
CA ASP A 861 26.30 39.76 -12.38
C ASP A 861 26.47 38.25 -12.12
N ILE A 862 25.78 37.71 -11.12
CA ILE A 862 25.93 36.28 -10.85
C ILE A 862 24.88 35.42 -11.54
N LEU A 863 24.20 36.02 -12.52
CA LEU A 863 23.23 35.31 -13.35
C LEU A 863 23.95 35.23 -14.68
N GLY A 864 25.06 35.97 -14.75
CA GLY A 864 25.91 35.99 -15.92
C GLY A 864 27.09 35.04 -15.70
N ARG A 865 26.82 33.94 -15.01
CA ARG A 865 27.80 32.90 -14.73
C ARG A 865 27.40 31.76 -15.65
N LYS A 866 26.50 30.89 -15.18
CA LYS A 866 26.01 29.80 -16.02
C LYS A 866 25.05 30.49 -17.00
N THR A 867 25.01 30.02 -18.25
CA THR A 867 24.15 30.65 -19.25
C THR A 867 22.71 30.14 -19.36
N GLY A 868 21.91 30.42 -18.32
CA GLY A 868 20.52 30.01 -18.30
C GLY A 868 19.71 31.26 -18.11
N LEU A 869 20.37 32.39 -18.31
CA LEU A 869 19.78 33.71 -18.19
C LEU A 869 19.18 34.16 -19.53
N ALA A 870 17.86 33.99 -19.71
CA ALA A 870 17.16 34.37 -20.97
C ALA A 870 17.48 35.80 -21.43
N SER A 871 18.58 36.32 -20.88
CA SER A 871 19.12 37.66 -21.13
C SER A 871 19.49 37.89 -22.59
N PRO A 872 20.05 39.08 -22.91
CA PRO A 872 20.32 40.19 -22.01
C PRO A 872 19.04 41.02 -21.91
N GLU A 873 18.01 40.51 -22.58
CA GLU A 873 16.68 41.12 -22.63
C GLU A 873 15.98 40.83 -21.32
N PHE A 874 16.57 39.92 -20.56
CA PHE A 874 16.07 39.54 -19.26
C PHE A 874 16.89 40.45 -18.35
N ILE A 875 18.21 40.27 -18.40
CA ILE A 875 19.09 41.08 -17.59
C ILE A 875 18.80 42.56 -17.84
N GLU A 876 18.12 42.86 -18.94
CA GLU A 876 17.80 44.26 -19.20
C GLU A 876 16.46 44.59 -18.54
N LYS A 877 15.49 43.70 -18.70
CA LYS A 877 14.18 43.89 -18.09
C LYS A 877 14.32 44.00 -16.58
N LEU A 878 15.25 43.23 -16.02
CA LEU A 878 15.47 43.24 -14.57
C LEU A 878 16.03 44.58 -14.12
N LEU A 879 17.03 45.10 -14.81
CA LEU A 879 17.57 46.39 -14.37
C LEU A 879 16.59 47.54 -14.47
N ASN A 880 15.62 47.44 -15.39
CA ASN A 880 14.61 48.49 -15.51
C ASN A 880 13.84 48.53 -14.21
N PHE A 881 13.36 47.35 -13.80
CA PHE A 881 12.63 47.21 -12.56
C PHE A 881 13.49 47.73 -11.42
N ALA A 882 14.66 47.15 -11.26
CA ALA A 882 15.58 47.55 -10.20
C ALA A 882 15.73 49.07 -10.09
N ASN A 883 15.57 49.77 -11.20
CA ASN A 883 15.70 51.24 -11.19
C ASN A 883 14.38 51.90 -10.83
N LYS A 884 13.29 51.50 -11.50
CA LYS A 884 11.98 52.06 -11.18
C LYS A 884 11.73 51.93 -9.68
N ALA A 885 12.18 50.82 -9.11
CA ALA A 885 12.02 50.59 -7.68
C ALA A 885 12.86 51.62 -6.94
N GLU A 886 14.12 51.77 -7.34
CA GLU A 886 15.00 52.73 -6.71
C GLU A 886 14.43 54.14 -6.85
N GLU A 887 13.85 54.42 -8.02
CA GLU A 887 13.22 55.70 -8.29
C GLU A 887 12.23 55.97 -7.18
N GLN A 888 11.13 55.23 -7.23
CA GLN A 888 10.05 55.30 -6.26
C GLN A 888 10.54 55.37 -4.84
N ARG A 889 11.63 54.65 -4.56
CA ARG A 889 12.17 54.64 -3.22
C ARG A 889 12.58 56.05 -2.83
N LYS A 890 13.35 56.71 -3.68
CA LYS A 890 13.77 58.07 -3.37
C LYS A 890 12.62 59.07 -3.40
N ALA A 891 11.62 58.80 -4.25
CA ALA A 891 10.46 59.67 -4.32
C ALA A 891 9.82 59.74 -2.94
N ASP A 892 9.74 58.60 -2.27
CA ASP A 892 9.13 58.51 -0.93
C ASP A 892 10.03 59.05 0.16
N GLU A 893 11.32 58.79 0.04
CA GLU A 893 12.28 59.26 1.02
C GLU A 893 12.29 60.80 1.03
N GLU A 894 11.97 61.40 -0.11
CA GLU A 894 11.96 62.86 -0.19
C GLU A 894 10.56 63.37 0.10
N GLU A 895 9.57 62.69 -0.43
CA GLU A 895 8.19 63.06 -0.21
C GLU A 895 7.98 63.18 1.29
N ASP A 896 8.71 62.37 2.05
CA ASP A 896 8.61 62.37 3.50
C ASP A 896 9.39 63.54 4.04
N LEU A 897 10.69 63.56 3.76
CA LEU A 897 11.58 64.63 4.22
C LEU A 897 10.97 66.04 4.11
N GLU A 898 10.30 66.33 3.00
CA GLU A 898 9.72 67.65 2.78
C GLU A 898 8.36 67.89 3.42
N TYR A 899 7.33 67.31 2.83
CA TYR A 899 5.96 67.45 3.33
C TYR A 899 5.62 66.36 4.33
N GLY A 900 6.53 66.07 5.26
CA GLY A 900 6.30 65.04 6.24
C GLY A 900 6.66 65.42 7.66
N ASP A 901 5.85 66.30 8.24
CA ASP A 901 6.04 66.79 9.62
C ASP A 901 5.44 65.86 10.65
N VAL A 902 4.12 65.90 10.73
CA VAL A 902 3.31 65.13 11.65
C VAL A 902 3.64 63.64 11.68
N PRO A 903 4.42 63.19 12.69
CA PRO A 903 4.78 61.77 12.81
C PRO A 903 3.59 60.86 12.44
N ASP A 904 3.84 59.82 11.66
CA ASP A 904 2.75 58.95 11.21
C ASP A 904 1.80 58.37 12.26
N GLU A 905 2.30 58.09 13.46
CA GLU A 905 1.44 57.49 14.47
C GLU A 905 0.37 58.44 15.02
N PHE A 906 0.49 59.72 14.72
CA PHE A 906 -0.50 60.70 15.19
C PHE A 906 -1.54 60.94 14.11
N LEU A 907 -1.38 60.31 12.97
CA LEU A 907 -2.32 60.55 11.87
C LEU A 907 -3.40 59.50 11.72
N ASP A 908 -4.60 59.97 11.40
CA ASP A 908 -5.72 59.07 11.23
C ASP A 908 -5.43 58.19 10.01
N PRO A 909 -5.69 56.88 10.12
CA PRO A 909 -5.46 55.93 9.03
C PRO A 909 -6.31 56.13 7.78
N LEU A 910 -7.48 56.76 7.96
CA LEU A 910 -8.38 56.98 6.84
C LEU A 910 -8.62 58.45 6.47
N TYR A 912 -6.20 60.79 7.24
CA TYR A 912 -4.85 61.31 7.04
C TYR A 912 -4.60 62.64 7.72
N THR A 913 -5.59 63.13 8.46
CA THR A 913 -5.44 64.38 9.19
C THR A 913 -4.86 64.03 10.56
N ILE A 914 -4.53 65.03 11.36
CA ILE A 914 -3.99 64.77 12.69
C ILE A 914 -5.15 64.29 13.56
N LYS A 916 -7.49 63.65 16.77
CA LYS A 916 -7.92 64.35 17.97
C LYS A 916 -8.35 63.39 19.08
N ASP A 917 -9.30 62.50 18.79
CA ASP A 917 -9.73 61.53 19.82
C ASP A 917 -9.31 60.10 19.44
N PRO A 918 -8.03 59.77 19.69
CA PRO A 918 -7.47 58.45 19.40
C PRO A 918 -8.13 57.35 20.19
N VAL A 919 -8.56 56.30 19.49
CA VAL A 919 -9.22 55.17 20.11
C VAL A 919 -8.79 53.88 19.42
N ILE A 920 -8.48 52.86 20.21
CA ILE A 920 -8.03 51.58 19.68
C ILE A 920 -9.11 50.59 19.26
N LEU A 921 -9.19 50.29 17.97
CA LEU A 921 -10.17 49.32 17.50
C LEU A 921 -9.73 48.05 18.21
N PRO A 922 -10.67 47.18 18.57
CA PRO A 922 -10.31 45.94 19.26
C PRO A 922 -10.09 44.74 18.35
N ALA A 923 -10.75 44.70 17.21
CA ALA A 923 -10.59 43.57 16.34
C ALA A 923 -9.28 43.59 15.57
N SER A 924 -8.66 44.76 15.45
CA SER A 924 -7.42 44.87 14.68
C SER A 924 -6.32 45.61 15.40
N LYS A 925 -6.65 46.18 16.56
CA LYS A 925 -5.66 46.93 17.34
C LYS A 925 -5.19 48.18 16.61
N ASN A 927 -5.26 52.00 15.46
CA ASN A 927 -5.65 53.26 16.07
C ASN A 927 -6.45 54.03 15.01
N ILE A 928 -7.40 54.85 15.45
CA ILE A 928 -8.23 55.63 14.51
C ILE A 928 -9.03 56.66 15.30
N ASP A 929 -9.33 57.79 14.68
CA ASP A 929 -10.05 58.87 15.35
C ASP A 929 -11.53 58.59 15.66
N ARG A 930 -11.92 58.88 16.91
CA ARG A 930 -13.28 58.70 17.41
C ARG A 930 -14.31 59.04 16.36
N SER A 931 -14.13 60.22 15.77
CA SER A 931 -14.98 60.76 14.72
C SER A 931 -15.04 59.87 13.51
N THR A 932 -13.88 59.35 13.13
CA THR A 932 -13.77 58.49 11.95
C THR A 932 -14.49 57.15 12.05
N ILE A 933 -14.31 56.43 13.16
CA ILE A 933 -15.00 55.14 13.34
C ILE A 933 -16.48 55.42 13.51
N LYS A 934 -16.76 56.41 14.35
CA LYS A 934 -18.12 56.86 14.66
C LYS A 934 -18.84 57.12 13.34
N ALA A 935 -18.17 57.84 12.44
CA ALA A 935 -18.71 58.18 11.13
C ALA A 935 -18.68 56.98 10.19
N HIS A 936 -17.74 56.07 10.40
CA HIS A 936 -17.66 54.88 9.58
C HIS A 936 -18.80 53.96 9.97
N LEU A 937 -18.99 53.86 11.29
CA LEU A 937 -20.02 53.01 11.85
C LEU A 937 -21.44 53.30 11.37
N LEU A 938 -21.81 54.58 11.30
CA LEU A 938 -23.17 54.96 10.87
C LEU A 938 -23.73 54.13 9.72
N SER A 939 -22.88 53.62 8.85
CA SER A 939 -23.38 52.82 7.74
C SER A 939 -22.66 51.49 7.69
N ASP A 940 -21.86 51.22 8.72
CA ASP A 940 -21.09 49.97 8.78
C ASP A 940 -20.68 49.59 10.21
N SER A 941 -21.16 48.44 10.67
CA SER A 941 -20.84 47.95 12.02
C SER A 941 -19.65 46.99 12.05
N THR A 942 -18.79 47.11 11.05
CA THR A 942 -17.61 46.27 10.97
C THR A 942 -16.38 47.14 11.14
N ASP A 943 -15.23 46.50 11.37
CA ASP A 943 -13.96 47.19 11.52
C ASP A 943 -13.51 47.48 10.08
N PRO A 944 -13.14 48.73 9.78
CA PRO A 944 -12.71 49.14 8.45
C PRO A 944 -11.64 48.27 7.80
N PHE A 945 -10.68 47.80 8.59
CA PHE A 945 -9.56 47.00 8.10
C PHE A 945 -9.74 45.49 8.09
N ASN A 946 -9.95 44.91 9.26
CA ASN A 946 -10.20 43.47 9.36
C ASN A 946 -11.69 43.50 9.61
N ARG A 947 -12.44 42.99 8.64
CA ARG A 947 -13.90 43.01 8.68
C ARG A 947 -14.61 42.22 9.80
N PRO A 949 -17.33 42.61 13.09
CA PRO A 949 -18.35 43.46 13.73
C PRO A 949 -17.90 44.17 15.01
N LEU A 950 -18.50 45.33 15.30
CA LEU A 950 -18.18 46.11 16.51
C LEU A 950 -19.13 47.30 16.73
N LYS A 951 -19.03 47.92 17.90
CA LYS A 951 -19.88 49.05 18.26
C LYS A 951 -19.04 50.11 18.96
N LEU A 952 -19.28 51.38 18.64
CA LEU A 952 -18.55 52.51 19.23
C LEU A 952 -18.22 52.36 20.72
N GLU A 953 -18.82 51.36 21.36
CA GLU A 953 -18.60 51.06 22.78
C GLU A 953 -17.35 50.21 23.01
N ASP A 954 -17.18 49.17 22.18
CA ASP A 954 -16.03 48.26 22.27
C ASP A 954 -14.71 48.99 21.98
N VAL A 955 -14.82 50.19 21.45
CA VAL A 955 -13.66 51.00 21.11
C VAL A 955 -13.03 51.63 22.34
N THR A 956 -11.93 51.03 22.78
CA THR A 956 -11.18 51.49 23.94
C THR A 956 -10.32 52.71 23.63
N PRO A 957 -10.60 53.87 24.25
CA PRO A 957 -9.80 55.07 23.99
C PRO A 957 -8.32 54.93 24.30
N ASN A 958 -7.52 55.76 23.62
CA ASN A 958 -6.07 55.75 23.79
C ASN A 958 -5.58 57.13 24.23
N GLU A 959 -5.60 57.37 25.54
CA GLU A 959 -5.16 58.66 26.07
C GLU A 959 -3.65 58.81 25.87
N GLU A 960 -2.89 57.85 26.40
CA GLU A 960 -1.44 57.84 26.29
C GLU A 960 -0.96 58.49 24.98
N LEU A 961 -1.64 58.16 23.89
CA LEU A 961 -1.30 58.68 22.57
C LEU A 961 -1.62 60.17 22.43
N ARG A 962 -2.88 60.53 22.69
CA ARG A 962 -3.32 61.92 22.60
C ARG A 962 -2.46 62.81 23.48
N GLN A 963 -1.62 62.16 24.29
CA GLN A 963 -0.70 62.83 25.20
C GLN A 963 0.38 63.54 24.38
N LYS A 964 1.11 62.75 23.59
CA LYS A 964 2.17 63.26 22.75
C LYS A 964 1.55 64.16 21.68
N ILE A 965 0.33 63.82 21.27
CA ILE A 965 -0.41 64.57 20.25
C ILE A 965 -0.65 66.02 20.70
N LEU A 966 -0.26 66.32 21.92
CA LEU A 966 -0.43 67.66 22.48
C LEU A 966 0.90 68.37 22.71
N CYS A 967 1.80 67.77 23.49
CA CYS A 967 3.10 68.39 23.74
C CYS A 967 3.83 68.57 22.41
N PHE A 968 3.24 68.02 21.35
CA PHE A 968 3.77 68.14 20.00
C PHE A 968 2.93 69.25 19.34
N LYS A 969 1.62 69.03 19.28
CA LYS A 969 0.67 69.97 18.69
C LYS A 969 0.76 71.34 19.38
N LYS A 970 1.60 71.43 20.41
CA LYS A 970 1.80 72.66 21.16
C LYS A 970 3.27 73.11 21.10
N GLN A 971 4.17 72.28 21.63
CA GLN A 971 5.60 72.58 21.66
C GLN A 971 6.06 73.25 20.37
N LYS A 972 6.41 72.43 19.39
CA LYS A 972 6.86 72.90 18.09
C LYS A 972 6.22 74.24 17.72
#